data_1EW9
#
_entry.id   1EW9
#
_cell.length_a   194.83
_cell.length_b   167.10
_cell.length_c   76.67
_cell.angle_alpha   90
_cell.angle_beta   90
_cell.angle_gamma   90
#
_symmetry.space_group_name_H-M   'I 2 2 2'
#
loop_
_entity.id
_entity.type
_entity.pdbx_description
1 polymer 'ALKALINE PHOSPHATASE'
2 non-polymer 'ZINC ION'
3 non-polymer 'SULFATE ION'
4 non-polymer 'MAGNESIUM ION'
5 non-polymer 'MERCAPTOMETHYL PHOSPHONATE'
6 water water
#
_entity_poly.entity_id   1
_entity_poly.type   'polypeptide(L)'
_entity_poly.pdbx_seq_one_letter_code
;TPEMPVLENRAAQGDITAPGGARRLTGDQTAALRDSLSDKPAKNIILLIGDGMGDSEITAARNYAEGAGGFFKGIDALPL
TGQYTHYALNKKTGKPDYVTDSAASATAWSTGVKTYNGALGVDIHEKDHPTILEMAKAAGLATGNVSTAELQDATPAALV
AHVTSRKCYGPSATSEKCPGNALEKGGKGSITEQLLNARADVTLGGGAKTFAETATAGEWQGKTLREQAQARGYQLVSDA
ASLNSVTEANQQKPLLGLFADGNMPVRWLGPKATYHGNIDKPAVTCTPNPQRNDSVPTLAQMTDKAIELLSKNEKGFFLQ
VEGASIDKQDHAANPCGQIGETVDLDEAVQRALEFAKKEGNTLVIVTADHAHASQIVAPDTKAPGLTQALNTKDGAVMVM
SYGNSEEDSQEHTGSQLRIAAYGPHAANVVGLTDQTDLFYTMKAALGLK
;
_entity_poly.pdbx_strand_id   A,B
#
loop_
_chem_comp.id
_chem_comp.type
_chem_comp.name
_chem_comp.formula
MG non-polymer 'MAGNESIUM ION' 'Mg 2'
MMQ non-polymer 'MERCAPTOMETHYL PHOSPHONATE' 'C H3 O3 P S -2'
SO4 non-polymer 'SULFATE ION' 'O4 S -2'
ZN non-polymer 'ZINC ION' 'Zn 2'
#
# COMPACT_ATOMS: atom_id res chain seq x y z
N THR A 1 26.22 -18.16 1.64
CA THR A 1 25.36 -18.69 2.69
C THR A 1 24.28 -17.69 3.07
N PRO A 2 23.01 -18.07 2.83
CA PRO A 2 21.92 -17.14 3.19
C PRO A 2 21.73 -17.11 4.71
N GLU A 3 22.71 -16.53 5.41
CA GLU A 3 22.59 -16.39 6.88
C GLU A 3 21.10 -16.09 7.18
N MET A 4 20.64 -15.03 6.56
CA MET A 4 19.24 -14.60 6.66
C MET A 4 18.56 -14.89 5.32
N PRO A 5 17.36 -15.46 5.35
CA PRO A 5 16.70 -15.85 4.13
C PRO A 5 15.99 -14.73 3.38
N VAL A 6 15.96 -14.87 2.07
CA VAL A 6 15.13 -14.00 1.21
C VAL A 6 13.91 -14.85 0.77
N LEU A 7 12.83 -14.23 0.36
CA LEU A 7 11.64 -15.04 -0.05
C LEU A 7 11.92 -15.65 -1.42
N GLU A 8 12.17 -16.96 -1.44
CA GLU A 8 12.56 -17.62 -2.68
C GLU A 8 11.45 -17.68 -3.68
N ASN A 9 10.19 -17.81 -3.20
CA ASN A 9 9.13 -17.88 -4.21
C ASN A 9 7.76 -17.77 -3.57
N ARG A 10 7.10 -16.65 -3.85
CA ARG A 10 5.78 -16.39 -3.37
C ARG A 10 4.84 -16.20 -4.55
N ALA A 11 5.02 -16.99 -5.60
CA ALA A 11 3.98 -16.92 -6.67
C ALA A 11 2.82 -17.83 -6.23
N ALA A 12 1.72 -17.78 -6.96
CA ALA A 12 0.64 -18.76 -6.64
C ALA A 12 1.23 -20.14 -6.70
N GLN A 13 0.89 -20.99 -5.71
CA GLN A 13 1.54 -22.29 -5.74
C GLN A 13 0.96 -23.26 -6.69
N GLY A 14 -0.27 -23.04 -7.20
CA GLY A 14 -0.79 -24.06 -8.11
C GLY A 14 -1.80 -23.57 -9.09
N ASP A 15 -2.88 -24.33 -9.27
CA ASP A 15 -3.95 -23.88 -10.18
C ASP A 15 -4.81 -22.85 -9.42
N ILE A 16 -4.82 -21.62 -9.89
CA ILE A 16 -5.51 -20.52 -9.28
C ILE A 16 -6.99 -20.64 -9.21
N THR A 17 -7.57 -21.62 -9.93
CA THR A 17 -9.04 -21.78 -9.85
C THR A 17 -9.44 -22.85 -8.84
N ALA A 18 -8.50 -23.59 -8.30
CA ALA A 18 -8.77 -24.67 -7.34
C ALA A 18 -8.49 -24.27 -5.91
N PRO A 19 -9.07 -25.01 -4.95
CA PRO A 19 -8.83 -24.71 -3.54
C PRO A 19 -7.35 -24.71 -3.20
N GLY A 20 -6.86 -23.59 -2.67
CA GLY A 20 -5.50 -23.41 -2.29
C GLY A 20 -4.47 -23.20 -3.32
N GLY A 21 -4.85 -23.17 -4.61
CA GLY A 21 -3.84 -22.99 -5.64
C GLY A 21 -3.37 -21.57 -5.84
N ALA A 22 -4.03 -20.60 -5.23
CA ALA A 22 -3.68 -19.20 -5.35
C ALA A 22 -2.84 -18.74 -4.15
N ARG A 23 -2.59 -19.65 -3.24
CA ARG A 23 -1.76 -19.47 -2.08
C ARG A 23 -0.33 -19.10 -2.44
N ARG A 24 0.22 -18.12 -1.73
CA ARG A 24 1.61 -17.71 -1.96
C ARG A 24 2.55 -18.37 -0.96
N LEU A 25 1.99 -18.87 0.10
CA LEU A 25 2.71 -19.54 1.17
C LEU A 25 2.54 -21.06 1.14
N THR A 26 3.52 -21.77 1.67
CA THR A 26 3.46 -23.24 1.70
C THR A 26 3.46 -23.78 3.13
N GLY A 27 3.52 -22.90 4.11
CA GLY A 27 3.53 -23.22 5.52
C GLY A 27 3.67 -21.98 6.40
N ASP A 28 3.78 -22.17 7.69
CA ASP A 28 3.87 -21.09 8.66
C ASP A 28 5.18 -20.31 8.50
N GLN A 29 5.13 -19.00 8.64
CA GLN A 29 6.28 -18.15 8.45
C GLN A 29 7.00 -17.72 9.68
N THR A 30 6.56 -18.09 10.87
CA THR A 30 7.18 -17.63 12.08
C THR A 30 8.66 -17.81 12.16
N ALA A 31 9.14 -19.03 11.98
CA ALA A 31 10.57 -19.30 12.12
C ALA A 31 11.42 -18.54 11.14
N ALA A 32 10.95 -18.45 9.89
CA ALA A 32 11.70 -17.72 8.88
C ALA A 32 11.78 -16.24 9.17
N LEU A 33 10.70 -15.64 9.70
CA LEU A 33 10.78 -14.23 10.06
C LEU A 33 11.71 -14.05 11.26
N ARG A 34 11.65 -15.01 12.20
CA ARG A 34 12.61 -14.93 13.33
C ARG A 34 14.03 -14.91 12.74
N ASP A 35 14.26 -15.78 11.75
CA ASP A 35 15.56 -15.82 11.10
C ASP A 35 15.86 -14.58 10.30
N SER A 36 14.91 -13.63 10.18
CA SER A 36 15.24 -12.45 9.36
C SER A 36 15.59 -11.26 10.27
N LEU A 37 15.52 -11.45 11.56
CA LEU A 37 15.84 -10.47 12.56
C LEU A 37 17.25 -10.56 13.10
N SER A 38 18.04 -9.56 12.79
CA SER A 38 19.37 -9.30 13.22
C SER A 38 19.61 -7.81 13.57
N ASP A 39 20.23 -7.58 14.71
CA ASP A 39 20.61 -6.23 15.13
C ASP A 39 22.11 -5.99 14.99
N LYS A 40 22.79 -6.89 14.29
CA LYS A 40 24.21 -6.69 14.04
C LYS A 40 24.38 -5.37 13.26
N PRO A 41 25.59 -4.85 13.31
CA PRO A 41 25.85 -3.65 12.47
C PRO A 41 25.84 -4.11 11.00
N ALA A 42 25.49 -3.19 10.14
CA ALA A 42 25.54 -3.42 8.69
C ALA A 42 26.88 -2.75 8.23
N LYS A 43 27.52 -3.38 7.28
CA LYS A 43 28.74 -2.82 6.71
C LYS A 43 28.34 -1.92 5.52
N ASN A 44 27.35 -2.43 4.77
CA ASN A 44 26.92 -1.72 3.58
C ASN A 44 25.39 -1.58 3.57
N ILE A 45 24.99 -0.59 2.80
CA ILE A 45 23.61 -0.28 2.51
C ILE A 45 23.40 -0.04 1.02
N ILE A 46 22.36 -0.67 0.51
CA ILE A 46 21.93 -0.43 -0.86
C ILE A 46 20.46 0.00 -0.79
N LEU A 47 20.25 1.25 -1.12
CA LEU A 47 18.94 1.87 -1.08
C LEU A 47 18.41 1.94 -2.54
N LEU A 48 17.35 1.16 -2.78
CA LEU A 48 16.76 1.15 -4.11
C LEU A 48 15.44 1.89 -4.15
N ILE A 49 15.40 2.92 -5.01
CA ILE A 49 14.24 3.74 -5.14
C ILE A 49 13.56 3.64 -6.52
N GLY A 50 12.29 3.25 -6.44
CA GLY A 50 11.43 3.29 -7.63
C GLY A 50 10.69 4.64 -7.54
N ASP A 51 11.07 5.60 -8.38
CA ASP A 51 10.40 6.93 -8.21
C ASP A 51 8.94 6.79 -8.60
N GLY A 52 8.03 7.19 -7.70
CA GLY A 52 6.62 7.08 -7.98
C GLY A 52 6.04 5.69 -7.94
N MET A 53 6.79 4.73 -7.43
CA MET A 53 6.42 3.35 -7.37
C MET A 53 5.68 2.93 -6.12
N GLY A 54 4.42 3.32 -6.03
CA GLY A 54 3.54 2.92 -4.95
C GLY A 54 3.01 1.50 -5.17
N ASP A 55 2.21 1.03 -4.25
CA ASP A 55 1.64 -0.30 -4.35
C ASP A 55 0.92 -0.53 -5.64
N SER A 56 0.25 0.51 -6.16
CA SER A 56 -0.49 0.36 -7.41
C SER A 56 0.42 0.04 -8.58
N GLU A 57 1.50 0.81 -8.69
CA GLU A 57 2.48 0.67 -9.73
C GLU A 57 3.15 -0.71 -9.66
N ILE A 58 3.36 -1.21 -8.46
CA ILE A 58 4.04 -2.55 -8.34
C ILE A 58 3.04 -3.61 -8.80
N THR A 59 1.80 -3.49 -8.35
CA THR A 59 0.75 -4.43 -8.73
C THR A 59 0.55 -4.47 -10.25
N ALA A 60 0.38 -3.30 -10.85
CA ALA A 60 0.17 -3.15 -12.27
C ALA A 60 1.27 -3.85 -13.08
N ALA A 61 2.51 -3.55 -12.70
CA ALA A 61 3.64 -4.16 -13.36
C ALA A 61 3.67 -5.65 -13.09
N ARG A 62 3.26 -6.05 -11.86
CA ARG A 62 3.35 -7.51 -11.63
C ARG A 62 2.36 -8.22 -12.54
N ASN A 63 1.11 -7.72 -12.53
CA ASN A 63 0.07 -8.38 -13.32
C ASN A 63 0.47 -8.51 -14.78
N TYR A 64 1.05 -7.44 -15.33
CA TYR A 64 1.39 -7.42 -16.73
C TYR A 64 2.49 -8.41 -17.07
N ALA A 65 3.60 -8.25 -16.37
CA ALA A 65 4.80 -8.97 -16.58
C ALA A 65 4.86 -10.36 -15.99
N GLU A 66 4.37 -10.58 -14.78
CA GLU A 66 4.50 -11.95 -14.24
C GLU A 66 3.15 -12.62 -14.13
N GLY A 67 2.06 -11.89 -14.40
CA GLY A 67 0.72 -12.46 -14.17
C GLY A 67 0.29 -12.16 -12.74
N ALA A 68 -1.00 -12.07 -12.48
CA ALA A 68 -1.51 -11.77 -11.15
C ALA A 68 -0.94 -12.66 -10.07
N GLY A 69 -0.76 -13.94 -10.37
CA GLY A 69 -0.24 -14.90 -9.39
C GLY A 69 1.25 -15.07 -9.49
N GLY A 70 1.88 -14.22 -10.30
CA GLY A 70 3.33 -14.24 -10.42
C GLY A 70 3.98 -13.57 -9.20
N PHE A 71 5.27 -13.38 -9.30
CA PHE A 71 6.10 -12.88 -8.20
C PHE A 71 7.36 -12.23 -8.77
N PHE A 72 7.69 -11.04 -8.29
CA PHE A 72 8.89 -10.33 -8.73
C PHE A 72 10.04 -10.84 -7.84
N LYS A 73 10.97 -11.54 -8.47
CA LYS A 73 12.08 -12.15 -7.81
C LYS A 73 12.96 -11.19 -7.04
N GLY A 74 12.85 -9.90 -7.32
CA GLY A 74 13.53 -8.84 -6.63
C GLY A 74 12.54 -8.14 -5.67
N ILE A 75 11.70 -7.30 -6.25
CA ILE A 75 10.76 -6.48 -5.56
C ILE A 75 9.99 -7.15 -4.49
N ASP A 76 9.41 -8.31 -4.79
CA ASP A 76 8.57 -9.01 -3.85
C ASP A 76 9.34 -9.92 -2.90
N ALA A 77 10.63 -10.12 -3.13
CA ALA A 77 11.39 -11.04 -2.34
C ALA A 77 11.88 -10.54 -1.01
N LEU A 78 11.73 -9.25 -0.70
CA LEU A 78 12.19 -8.77 0.62
C LEU A 78 11.20 -9.13 1.67
N PRO A 79 11.68 -9.80 2.73
CA PRO A 79 10.78 -10.34 3.71
C PRO A 79 10.22 -9.45 4.75
N LEU A 80 10.82 -8.29 5.00
CA LEU A 80 10.27 -7.43 6.08
C LEU A 80 9.66 -6.21 5.42
N THR A 81 8.35 -6.07 5.62
CA THR A 81 7.60 -5.05 4.91
C THR A 81 6.81 -4.17 5.89
N GLY A 82 6.58 -2.94 5.45
CA GLY A 82 5.82 -1.92 6.09
C GLY A 82 5.23 -0.89 5.16
N GLN A 83 4.67 0.14 5.74
CA GLN A 83 4.10 1.26 4.92
C GLN A 83 4.67 2.55 5.54
N TYR A 84 5.05 3.50 4.71
CA TYR A 84 5.62 4.74 5.22
C TYR A 84 4.93 5.96 4.66
N THR A 85 5.06 7.08 5.34
CA THR A 85 4.41 8.33 4.96
C THR A 85 5.46 9.33 4.45
N HIS A 86 5.08 10.13 3.46
CA HIS A 86 6.05 11.02 2.84
C HIS A 86 5.53 12.42 2.62
N TYR A 87 4.62 12.90 3.46
CA TYR A 87 4.11 14.26 3.30
C TYR A 87 5.27 15.27 3.43
N ALA A 88 5.15 16.38 2.76
CA ALA A 88 6.06 17.48 2.78
C ALA A 88 5.55 18.60 3.70
N LEU A 89 6.17 19.76 3.64
CA LEU A 89 5.71 20.89 4.48
C LEU A 89 5.46 22.11 3.58
N ASN A 90 4.56 22.95 4.06
CA ASN A 90 4.36 24.25 3.38
C ASN A 90 5.50 25.19 3.91
N LYS A 91 6.25 25.76 2.98
CA LYS A 91 7.40 26.59 3.36
C LYS A 91 6.98 27.70 4.32
N LYS A 92 5.90 28.37 3.93
CA LYS A 92 5.39 29.49 4.65
C LYS A 92 4.84 29.17 6.01
N THR A 93 3.91 28.22 6.09
CA THR A 93 3.27 27.88 7.33
C THR A 93 3.97 26.86 8.16
N GLY A 94 4.76 25.97 7.55
CA GLY A 94 5.39 24.90 8.30
C GLY A 94 4.46 23.73 8.60
N LYS A 95 3.24 23.81 8.08
CA LYS A 95 2.25 22.74 8.27
C LYS A 95 2.44 21.68 7.18
N PRO A 96 1.88 20.50 7.39
CA PRO A 96 2.02 19.46 6.37
C PRO A 96 1.42 19.88 5.03
N ASP A 97 2.09 19.51 3.98
CA ASP A 97 1.59 19.61 2.59
C ASP A 97 1.45 18.12 2.16
N TYR A 98 0.23 17.64 2.03
CA TYR A 98 -0.07 16.26 1.85
C TYR A 98 0.53 15.50 0.74
N VAL A 99 0.85 16.14 -0.38
CA VAL A 99 1.44 15.51 -1.54
C VAL A 99 2.77 16.16 -1.89
N THR A 100 3.83 15.41 -1.65
CA THR A 100 5.18 15.73 -1.91
C THR A 100 5.60 15.65 -3.36
N ASP A 101 6.67 16.39 -3.69
CA ASP A 101 7.35 16.29 -4.96
C ASP A 101 8.58 15.37 -4.76
N SER A 102 9.39 15.14 -5.78
CA SER A 102 10.51 14.22 -5.66
C SER A 102 11.62 14.78 -4.81
N ALA A 103 11.78 16.08 -4.80
CA ALA A 103 12.87 16.74 -4.10
C ALA A 103 12.71 16.69 -2.60
N ALA A 104 11.50 17.05 -2.11
CA ALA A 104 11.27 17.09 -0.68
C ALA A 104 11.34 15.73 -0.05
N SER A 105 10.88 14.71 -0.79
CA SER A 105 10.91 13.34 -0.24
C SER A 105 12.30 12.80 -0.20
N ALA A 106 13.07 13.07 -1.29
CA ALA A 106 14.44 12.62 -1.27
C ALA A 106 15.23 13.30 -0.16
N THR A 107 14.98 14.57 0.08
CA THR A 107 15.64 15.33 1.14
C THR A 107 15.36 14.69 2.50
N ALA A 108 14.12 14.24 2.65
CA ALA A 108 13.65 13.61 3.86
C ALA A 108 14.39 12.36 4.21
N TRP A 109 14.52 11.42 3.23
CA TRP A 109 15.30 10.22 3.62
C TRP A 109 16.77 10.50 3.62
N SER A 110 17.19 11.55 2.89
CA SER A 110 18.61 11.79 2.83
C SER A 110 19.20 12.58 3.96
N THR A 111 18.38 13.31 4.71
CA THR A 111 18.95 14.17 5.77
C THR A 111 18.17 14.04 7.07
N GLY A 112 16.99 13.45 7.02
CA GLY A 112 16.20 13.22 8.22
C GLY A 112 15.36 14.41 8.60
N VAL A 113 15.26 15.39 7.70
CA VAL A 113 14.39 16.53 8.00
C VAL A 113 13.37 16.75 6.91
N LYS A 114 12.14 17.04 7.33
CA LYS A 114 11.11 17.36 6.36
C LYS A 114 11.44 18.74 5.75
N THR A 115 10.97 18.97 4.54
CA THR A 115 11.21 20.25 3.89
C THR A 115 10.07 20.57 2.92
N TYR A 116 10.18 21.67 2.20
CA TYR A 116 9.19 22.11 1.25
C TYR A 116 9.36 21.57 -0.13
N ASN A 117 8.24 21.44 -0.88
CA ASN A 117 8.36 20.89 -2.24
C ASN A 117 9.28 21.78 -3.09
N GLY A 118 10.26 21.16 -3.74
CA GLY A 118 11.19 21.87 -4.59
C GLY A 118 12.57 22.00 -3.97
N ALA A 119 12.66 21.86 -2.65
CA ALA A 119 13.91 21.95 -1.94
C ALA A 119 14.76 20.68 -2.08
N LEU A 120 16.08 20.89 -2.08
CA LEU A 120 17.06 19.85 -2.05
C LEU A 120 18.11 20.10 -0.97
N GLY A 121 18.16 19.23 0.03
CA GLY A 121 19.19 19.26 1.05
C GLY A 121 19.14 20.48 1.93
N VAL A 122 17.94 21.07 2.00
CA VAL A 122 17.75 22.21 2.85
C VAL A 122 16.42 22.10 3.57
N ASP A 123 16.29 22.81 4.69
CA ASP A 123 15.06 22.82 5.45
C ASP A 123 14.16 23.94 5.02
N ILE A 124 13.08 24.21 5.75
CA ILE A 124 12.16 25.28 5.46
C ILE A 124 12.78 26.65 5.68
N HIS A 125 13.87 26.73 6.44
CA HIS A 125 14.53 28.01 6.68
C HIS A 125 15.71 28.16 5.72
N GLU A 126 15.78 27.20 4.81
CA GLU A 126 16.78 27.11 3.79
C GLU A 126 18.15 26.82 4.37
N LYS A 127 18.16 26.17 5.55
CA LYS A 127 19.46 25.77 6.08
C LYS A 127 19.87 24.41 5.52
N ASP A 128 21.15 24.31 5.18
CA ASP A 128 21.77 23.11 4.71
C ASP A 128 21.81 22.04 5.80
N HIS A 129 21.51 20.80 5.44
CA HIS A 129 21.65 19.67 6.34
C HIS A 129 22.50 18.60 5.66
N PRO A 130 23.43 18.03 6.37
CA PRO A 130 24.32 17.00 5.79
C PRO A 130 23.50 15.80 5.31
N THR A 131 23.94 15.17 4.22
CA THR A 131 23.25 14.00 3.70
C THR A 131 23.88 12.68 4.15
N ILE A 132 23.06 11.61 4.08
CA ILE A 132 23.55 10.29 4.41
C ILE A 132 24.82 9.97 3.63
N LEU A 133 24.91 10.45 2.39
CA LEU A 133 26.10 10.19 1.57
C LEU A 133 27.32 10.95 2.07
N GLU A 134 27.13 12.25 2.28
CA GLU A 134 28.24 13.07 2.76
C GLU A 134 28.74 12.51 4.08
N MET A 135 27.79 12.05 4.90
CA MET A 135 28.15 11.48 6.20
C MET A 135 28.92 10.20 6.04
N ALA A 136 28.48 9.37 5.07
CA ALA A 136 29.20 8.09 4.92
C ALA A 136 30.60 8.35 4.43
N LYS A 137 30.69 9.26 3.46
CA LYS A 137 32.01 9.59 2.88
C LYS A 137 32.94 10.01 4.04
N ALA A 138 32.43 10.91 4.85
CA ALA A 138 33.16 11.44 5.99
C ALA A 138 33.66 10.40 6.94
N ALA A 139 32.90 9.30 7.06
CA ALA A 139 33.33 8.25 7.96
C ALA A 139 34.32 7.30 7.28
N GLY A 140 34.62 7.52 6.03
CA GLY A 140 35.51 6.72 5.25
C GLY A 140 34.90 5.59 4.46
N LEU A 141 33.60 5.54 4.30
CA LEU A 141 32.94 4.48 3.50
C LEU A 141 32.93 4.93 2.03
N ALA A 142 32.79 3.94 1.13
CA ALA A 142 32.70 4.32 -0.29
C ALA A 142 31.23 4.69 -0.54
N THR A 143 31.00 5.56 -1.50
CA THR A 143 29.66 6.06 -1.76
C THR A 143 29.29 5.93 -3.22
N GLY A 144 28.08 5.44 -3.45
CA GLY A 144 27.60 5.27 -4.83
C GLY A 144 26.29 6.01 -5.02
N ASN A 145 26.12 6.53 -6.21
CA ASN A 145 24.88 7.26 -6.57
C ASN A 145 24.55 6.90 -8.04
N VAL A 146 23.51 6.08 -8.20
CA VAL A 146 23.11 5.55 -9.49
C VAL A 146 21.69 5.84 -9.84
N SER A 147 21.46 6.29 -11.09
CA SER A 147 20.06 6.55 -11.48
C SER A 147 19.92 6.46 -13.00
N THR A 148 18.72 6.20 -13.49
CA THR A 148 18.45 6.22 -14.92
C THR A 148 18.06 7.62 -15.39
N ALA A 149 17.87 8.56 -14.46
CA ALA A 149 17.57 9.93 -14.83
C ALA A 149 18.80 10.80 -15.06
N GLU A 150 18.53 12.06 -15.44
CA GLU A 150 19.68 13.02 -15.45
C GLU A 150 20.14 13.08 -13.95
N LEU A 151 21.41 13.20 -13.75
CA LEU A 151 22.02 13.24 -12.44
C LEU A 151 21.69 14.50 -11.67
N GLN A 152 21.19 15.49 -12.40
CA GLN A 152 20.75 16.74 -11.82
C GLN A 152 19.34 16.65 -11.25
N ASP A 153 18.61 15.64 -11.70
CA ASP A 153 17.25 15.36 -11.25
C ASP A 153 17.17 15.19 -9.73
N ALA A 154 16.04 15.50 -9.17
CA ALA A 154 15.79 15.54 -7.75
C ALA A 154 16.37 14.41 -6.94
N THR A 155 16.08 13.18 -7.31
CA THR A 155 16.46 12.01 -6.55
C THR A 155 17.91 11.80 -6.31
N PRO A 156 18.71 11.76 -7.38
CA PRO A 156 20.15 11.62 -7.17
C PRO A 156 20.79 12.90 -6.65
N ALA A 157 20.23 14.05 -6.98
CA ALA A 157 20.80 15.33 -6.57
C ALA A 157 20.72 15.59 -5.08
N ALA A 158 19.69 15.04 -4.45
CA ALA A 158 19.47 15.18 -3.04
C ALA A 158 20.57 14.62 -2.18
N LEU A 159 21.37 13.69 -2.70
CA LEU A 159 22.46 13.14 -1.89
C LEU A 159 23.68 14.03 -1.87
N VAL A 160 23.82 14.94 -2.84
CA VAL A 160 25.03 15.72 -2.92
C VAL A 160 24.83 17.21 -3.07
N ALA A 161 23.59 17.69 -3.18
CA ALA A 161 23.48 19.13 -3.47
C ALA A 161 22.50 19.79 -2.51
N HIS A 162 22.77 21.03 -2.15
CA HIS A 162 21.82 21.76 -1.26
C HIS A 162 21.47 23.06 -1.97
N VAL A 163 20.26 23.17 -2.46
CA VAL A 163 19.85 24.38 -3.22
C VAL A 163 18.36 24.64 -2.87
N THR A 164 17.97 25.88 -2.98
CA THR A 164 16.64 26.33 -2.64
C THR A 164 15.60 25.86 -3.64
N SER A 165 16.04 25.50 -4.86
CA SER A 165 15.21 24.99 -5.90
C SER A 165 15.80 23.89 -6.76
N ARG A 166 15.03 22.82 -6.95
CA ARG A 166 15.44 21.67 -7.72
C ARG A 166 15.75 21.98 -9.17
N LYS A 167 15.34 23.15 -9.63
CA LYS A 167 15.54 23.59 -10.99
C LYS A 167 16.95 24.12 -11.26
N CYS A 168 17.73 24.33 -10.24
CA CYS A 168 19.07 24.89 -10.36
C CYS A 168 20.13 23.93 -10.81
N TYR A 169 19.95 23.39 -12.02
CA TYR A 169 20.81 22.39 -12.60
C TYR A 169 22.24 22.79 -12.75
N GLY A 170 22.46 23.90 -13.46
CA GLY A 170 23.86 24.32 -13.69
C GLY A 170 23.92 25.83 -13.43
N PRO A 171 25.02 26.44 -13.80
CA PRO A 171 25.23 27.85 -13.58
C PRO A 171 24.14 28.77 -14.01
N SER A 172 23.63 28.59 -15.23
CA SER A 172 22.64 29.44 -15.82
C SER A 172 21.35 29.50 -15.09
N ALA A 173 20.75 28.34 -14.79
CA ALA A 173 19.47 28.35 -14.06
C ALA A 173 19.71 28.82 -12.63
N THR A 174 20.87 28.41 -12.10
CA THR A 174 21.16 28.76 -10.70
C THR A 174 21.21 30.25 -10.51
N SER A 175 21.95 30.92 -11.42
CA SER A 175 22.02 32.37 -11.37
C SER A 175 20.66 32.99 -11.34
N GLU A 176 19.70 32.40 -12.08
CA GLU A 176 18.38 32.96 -12.11
C GLU A 176 17.44 32.46 -11.08
N LYS A 177 17.55 31.18 -10.70
CA LYS A 177 16.54 30.66 -9.78
C LYS A 177 17.01 30.47 -8.38
N CYS A 178 18.31 30.30 -8.19
CA CYS A 178 18.90 30.13 -6.88
C CYS A 178 20.09 31.09 -6.69
N PRO A 179 19.80 32.36 -6.83
CA PRO A 179 20.81 33.41 -6.66
C PRO A 179 21.61 33.25 -5.40
N GLY A 180 20.96 32.81 -4.31
CA GLY A 180 21.73 32.58 -3.09
C GLY A 180 22.72 31.47 -3.22
N ASN A 181 22.51 30.57 -4.20
CA ASN A 181 23.41 29.41 -4.30
C ASN A 181 24.47 29.62 -5.37
N ALA A 182 24.24 30.59 -6.22
CA ALA A 182 25.11 30.90 -7.33
C ALA A 182 26.55 31.18 -6.94
N LEU A 183 27.46 30.44 -7.58
CA LEU A 183 28.87 30.50 -7.35
C LEU A 183 29.42 31.93 -7.41
N GLU A 184 28.93 32.68 -8.36
CA GLU A 184 29.28 34.02 -8.65
C GLU A 184 28.77 35.04 -7.65
N LYS A 185 27.80 34.63 -6.84
CA LYS A 185 27.26 35.49 -5.80
C LYS A 185 27.73 35.02 -4.43
N GLY A 186 28.78 34.19 -4.47
CA GLY A 186 29.42 33.61 -3.34
C GLY A 186 28.75 32.37 -2.81
N GLY A 187 27.82 31.77 -3.58
CA GLY A 187 27.15 30.57 -3.06
C GLY A 187 27.99 29.33 -3.29
N LYS A 188 27.48 28.19 -2.89
CA LYS A 188 28.06 26.89 -3.02
C LYS A 188 27.93 26.34 -4.42
N GLY A 189 27.03 26.93 -5.21
CA GLY A 189 26.93 26.58 -6.60
C GLY A 189 25.71 25.75 -6.98
N SER A 190 25.62 25.48 -8.28
CA SER A 190 24.61 24.72 -8.93
C SER A 190 24.64 23.24 -8.51
N ILE A 191 23.54 22.56 -8.84
CA ILE A 191 23.48 21.11 -8.50
C ILE A 191 24.69 20.40 -9.05
N THR A 192 25.00 20.64 -10.33
CA THR A 192 26.11 20.00 -10.99
C THR A 192 27.44 20.34 -10.36
N GLU A 193 27.63 21.62 -10.03
CA GLU A 193 28.89 22.02 -9.37
C GLU A 193 29.04 21.38 -8.03
N GLN A 194 27.94 21.26 -7.25
CA GLN A 194 28.02 20.64 -5.94
C GLN A 194 28.22 19.13 -6.04
N LEU A 195 27.75 18.59 -7.18
CA LEU A 195 27.93 17.13 -7.35
C LEU A 195 29.44 16.86 -7.51
N LEU A 196 30.09 17.71 -8.28
CA LEU A 196 31.54 17.58 -8.49
C LEU A 196 32.32 17.78 -7.22
N ASN A 197 31.80 18.64 -6.32
CA ASN A 197 32.48 18.81 -5.05
C ASN A 197 32.29 17.62 -4.14
N ALA A 198 31.08 17.09 -4.07
CA ALA A 198 30.77 15.94 -3.22
C ALA A 198 31.68 14.76 -3.50
N ARG A 199 32.11 14.60 -4.75
CA ARG A 199 33.07 13.57 -5.08
C ARG A 199 32.73 12.20 -4.57
N ALA A 200 31.53 11.72 -4.89
CA ALA A 200 31.26 10.31 -4.43
C ALA A 200 32.21 9.43 -5.24
N ASP A 201 32.41 8.19 -4.82
CA ASP A 201 33.28 7.30 -5.55
C ASP A 201 32.75 6.90 -6.90
N VAL A 202 31.45 6.60 -6.95
CA VAL A 202 30.84 6.16 -8.21
C VAL A 202 29.50 6.88 -8.44
N THR A 203 29.42 7.53 -9.58
CA THR A 203 28.27 8.28 -10.00
C THR A 203 27.89 7.94 -11.43
N LEU A 204 26.72 7.33 -11.59
CA LEU A 204 26.31 6.87 -12.92
C LEU A 204 24.87 7.24 -13.21
N GLY A 205 24.64 7.80 -14.39
CA GLY A 205 23.34 8.19 -14.82
C GLY A 205 23.38 8.99 -16.13
N GLY A 206 22.40 9.86 -16.34
CA GLY A 206 22.29 10.72 -17.49
C GLY A 206 22.63 12.16 -17.15
N GLY A 207 22.19 13.10 -17.96
CA GLY A 207 22.37 14.52 -17.72
C GLY A 207 23.71 15.04 -18.15
N ALA A 208 24.23 14.53 -19.28
CA ALA A 208 25.50 15.01 -19.80
C ALA A 208 25.34 16.44 -20.31
N LYS A 209 24.14 16.76 -20.76
CA LYS A 209 23.85 18.08 -21.27
C LYS A 209 24.33 19.21 -20.40
N THR A 210 23.98 19.17 -19.11
CA THR A 210 24.34 20.34 -18.28
C THR A 210 25.85 20.46 -18.12
N PHE A 211 26.55 19.35 -18.29
CA PHE A 211 28.01 19.36 -18.16
C PHE A 211 28.68 20.19 -19.23
N ALA A 212 27.86 20.67 -20.17
CA ALA A 212 28.38 21.51 -21.22
C ALA A 212 28.36 22.98 -20.86
N GLU A 213 27.79 23.34 -19.71
CA GLU A 213 27.80 24.76 -19.32
C GLU A 213 29.19 25.10 -18.74
N THR A 214 29.52 26.39 -18.78
CA THR A 214 30.80 26.84 -18.23
C THR A 214 30.63 27.47 -16.86
N ALA A 215 31.65 27.31 -16.01
CA ALA A 215 31.53 27.89 -14.66
C ALA A 215 31.61 29.41 -14.78
N THR A 216 30.90 30.10 -13.90
CA THR A 216 30.91 31.56 -13.90
C THR A 216 31.93 32.07 -12.89
N ALA A 217 32.51 31.15 -12.14
CA ALA A 217 33.50 31.61 -11.15
C ALA A 217 34.36 30.46 -10.66
N GLY A 218 35.19 30.75 -9.68
CA GLY A 218 36.04 29.77 -9.05
C GLY A 218 37.25 29.38 -9.87
N GLU A 219 37.93 28.36 -9.40
CA GLU A 219 39.13 27.81 -9.98
C GLU A 219 38.91 27.35 -11.41
N TRP A 220 37.70 26.92 -11.73
CA TRP A 220 37.41 26.44 -13.10
C TRP A 220 36.55 27.35 -13.90
N GLN A 221 36.54 28.63 -13.47
CA GLN A 221 35.73 29.60 -14.19
C GLN A 221 36.02 29.55 -15.69
N GLY A 222 34.97 29.68 -16.51
CA GLY A 222 35.14 29.72 -17.94
C GLY A 222 35.30 28.37 -18.61
N LYS A 223 35.58 27.31 -17.85
CA LYS A 223 35.67 26.00 -18.47
C LYS A 223 34.38 25.24 -18.33
N THR A 224 34.19 24.20 -19.17
CA THR A 224 32.88 23.52 -18.98
C THR A 224 33.00 22.62 -17.75
N LEU A 225 31.83 22.30 -17.19
CA LEU A 225 31.84 21.40 -16.01
C LEU A 225 32.45 20.08 -16.38
N ARG A 226 32.37 19.71 -17.68
CA ARG A 226 33.02 18.43 -18.05
C ARG A 226 34.52 18.56 -17.99
N GLU A 227 35.05 19.70 -18.45
CA GLU A 227 36.48 19.94 -18.33
C GLU A 227 36.87 20.01 -16.86
N GLN A 228 35.99 20.65 -16.04
CA GLN A 228 36.37 20.68 -14.61
C GLN A 228 36.49 19.28 -14.06
N ALA A 229 35.54 18.41 -14.46
CA ALA A 229 35.57 17.06 -13.87
C ALA A 229 36.88 16.36 -14.22
N GLN A 230 37.28 16.52 -15.47
CA GLN A 230 38.54 15.94 -15.97
C GLN A 230 39.73 16.51 -15.20
N ALA A 231 39.72 17.83 -15.03
CA ALA A 231 40.79 18.48 -14.24
C ALA A 231 40.82 17.95 -12.81
N ARG A 232 39.64 17.63 -12.26
CA ARG A 232 39.57 17.21 -10.87
C ARG A 232 39.84 15.77 -10.62
N GLY A 233 40.21 15.04 -11.69
CA GLY A 233 40.57 13.65 -11.52
C GLY A 233 39.46 12.66 -11.68
N TYR A 234 38.31 13.09 -12.19
CA TYR A 234 37.22 12.08 -12.34
C TYR A 234 37.50 11.23 -13.59
N GLN A 235 37.20 9.94 -13.51
CA GLN A 235 37.30 9.11 -14.75
C GLN A 235 35.90 9.25 -15.44
N LEU A 236 35.88 9.72 -16.65
CA LEU A 236 34.63 9.89 -17.38
C LEU A 236 34.37 8.70 -18.31
N VAL A 237 33.19 8.12 -18.19
CA VAL A 237 32.69 7.04 -19.01
C VAL A 237 31.36 7.36 -19.63
N SER A 238 31.08 6.81 -20.81
CA SER A 238 29.85 7.22 -21.47
C SER A 238 29.19 6.14 -22.28
N ASP A 239 29.57 4.90 -22.10
CA ASP A 239 28.94 3.78 -22.76
C ASP A 239 29.18 2.50 -21.93
N ALA A 240 28.37 1.49 -22.19
CA ALA A 240 28.52 0.23 -21.49
C ALA A 240 29.92 -0.33 -21.53
N ALA A 241 30.63 -0.19 -22.65
CA ALA A 241 31.97 -0.79 -22.77
C ALA A 241 33.01 -0.09 -21.91
N SER A 242 33.07 1.23 -22.02
CA SER A 242 33.98 2.02 -21.17
C SER A 242 33.67 1.78 -19.71
N LEU A 243 32.37 1.65 -19.38
CA LEU A 243 32.10 1.40 -17.93
C LEU A 243 32.61 0.04 -17.53
N ASN A 244 32.39 -0.96 -18.40
CA ASN A 244 32.84 -2.30 -18.04
C ASN A 244 34.32 -2.40 -17.85
N SER A 245 35.10 -1.63 -18.60
CA SER A 245 36.54 -1.58 -18.54
C SER A 245 37.09 -0.98 -17.27
N VAL A 246 36.22 -0.44 -16.40
CA VAL A 246 36.74 0.21 -15.20
C VAL A 246 37.05 -0.81 -14.11
N THR A 247 38.28 -0.75 -13.62
CA THR A 247 38.69 -1.69 -12.55
C THR A 247 38.81 -1.00 -11.21
N GLU A 248 38.70 0.34 -11.18
CA GLU A 248 38.91 1.04 -9.91
C GLU A 248 38.06 2.31 -9.82
N ALA A 249 37.72 2.65 -8.57
CA ALA A 249 36.99 3.90 -8.33
C ALA A 249 37.10 4.25 -6.84
N ASN A 250 37.79 5.34 -6.55
CA ASN A 250 38.03 5.81 -5.19
C ASN A 250 38.21 7.33 -5.20
N GLN A 251 38.50 7.89 -4.04
CA GLN A 251 38.66 9.36 -3.93
C GLN A 251 39.74 9.89 -4.83
N GLN A 252 40.70 9.00 -5.13
CA GLN A 252 41.79 9.44 -6.02
C GLN A 252 41.29 9.46 -7.46
N LYS A 253 40.64 8.38 -7.89
CA LYS A 253 40.11 8.27 -9.25
C LYS A 253 38.61 7.93 -9.16
N PRO A 254 37.79 8.95 -8.97
CA PRO A 254 36.35 8.79 -8.91
C PRO A 254 35.72 8.58 -10.28
N LEU A 255 34.72 7.70 -10.33
CA LEU A 255 34.00 7.38 -11.53
C LEU A 255 32.75 8.27 -11.73
N LEU A 256 32.63 8.82 -12.91
CA LEU A 256 31.55 9.61 -13.43
C LEU A 256 31.05 9.11 -14.78
N GLY A 257 29.95 8.36 -14.75
CA GLY A 257 29.38 7.82 -15.96
C GLY A 257 28.20 8.64 -16.47
N LEU A 258 28.28 9.11 -17.70
CA LEU A 258 27.20 9.94 -18.28
C LEU A 258 26.77 9.24 -19.60
N PHE A 259 25.70 8.49 -19.54
CA PHE A 259 25.24 7.66 -20.64
C PHE A 259 24.18 8.21 -21.53
N ALA A 260 23.73 9.42 -21.31
CA ALA A 260 22.69 10.09 -22.06
C ALA A 260 22.81 11.61 -21.86
N ASP A 261 22.19 12.37 -22.74
CA ASP A 261 22.26 13.83 -22.62
C ASP A 261 21.23 14.31 -21.58
N GLY A 262 20.11 13.63 -21.56
CA GLY A 262 19.00 13.79 -20.66
C GLY A 262 18.79 12.50 -19.87
N ASN A 263 17.55 12.02 -19.79
CA ASN A 263 17.34 10.75 -19.08
C ASN A 263 17.73 9.57 -19.97
N MET A 264 18.10 8.46 -19.33
CA MET A 264 18.41 7.25 -20.12
C MET A 264 17.14 6.74 -20.76
N PRO A 265 17.25 6.11 -21.90
CA PRO A 265 16.09 5.66 -22.66
C PRO A 265 15.27 4.65 -21.90
N VAL A 266 13.96 4.63 -22.15
CA VAL A 266 13.10 3.67 -21.44
C VAL A 266 13.20 2.31 -22.18
N ARG A 267 12.93 1.27 -21.47
CA ARG A 267 12.99 -0.12 -21.81
C ARG A 267 11.92 -0.56 -22.77
N TRP A 268 10.69 -0.08 -22.59
CA TRP A 268 9.60 -0.53 -23.45
C TRP A 268 8.85 0.63 -24.08
N LEU A 269 8.34 0.41 -25.29
CA LEU A 269 7.55 1.38 -25.98
C LEU A 269 6.07 0.91 -26.04
N GLY A 270 5.22 1.91 -26.04
CA GLY A 270 3.81 1.83 -26.09
C GLY A 270 3.13 3.17 -26.27
N PRO A 271 1.86 3.12 -26.72
CA PRO A 271 1.15 4.37 -26.90
C PRO A 271 0.74 4.95 -25.53
N LYS A 272 0.50 6.23 -25.57
CA LYS A 272 -0.03 6.98 -24.41
C LYS A 272 -1.50 6.55 -24.25
N ALA A 273 -1.97 6.49 -23.03
CA ALA A 273 -3.36 6.19 -22.71
C ALA A 273 -4.22 7.38 -23.21
N THR A 274 -5.48 7.13 -23.51
CA THR A 274 -6.32 8.19 -24.07
C THR A 274 -7.72 8.10 -23.48
N TYR A 275 -8.50 9.15 -23.74
CA TYR A 275 -9.89 9.19 -23.30
C TYR A 275 -10.65 8.01 -23.92
N HIS A 276 -11.29 7.24 -23.07
CA HIS A 276 -12.01 6.05 -23.45
C HIS A 276 -11.16 5.06 -24.22
N GLY A 277 -9.85 5.09 -24.02
CA GLY A 277 -8.94 4.24 -24.72
C GLY A 277 -9.16 2.76 -24.56
N ASN A 278 -9.74 2.34 -23.45
CA ASN A 278 -10.03 0.94 -23.17
C ASN A 278 -11.31 0.51 -23.86
N ILE A 279 -11.93 1.47 -24.57
CA ILE A 279 -13.18 1.14 -25.24
C ILE A 279 -13.13 1.36 -26.73
N ASP A 280 -12.57 2.50 -27.13
CA ASP A 280 -12.43 2.83 -28.53
C ASP A 280 -11.18 2.18 -29.12
N LYS A 281 -10.33 1.62 -28.26
CA LYS A 281 -9.12 1.00 -28.72
C LYS A 281 -8.91 -0.44 -28.36
N PRO A 282 -8.11 -1.13 -29.22
CA PRO A 282 -7.76 -2.54 -28.95
C PRO A 282 -6.62 -2.59 -27.91
N ALA A 283 -6.46 -3.74 -27.31
CA ALA A 283 -5.46 -3.94 -26.29
C ALA A 283 -4.05 -3.70 -26.78
N VAL A 284 -3.24 -3.14 -25.89
CA VAL A 284 -1.84 -2.89 -26.22
C VAL A 284 -0.95 -4.00 -25.71
N THR A 285 0.06 -4.32 -26.50
CA THR A 285 1.12 -5.21 -26.02
C THR A 285 2.42 -4.40 -26.07
N CYS A 286 3.08 -4.27 -24.92
CA CYS A 286 4.32 -3.46 -24.90
C CYS A 286 5.40 -4.17 -25.74
N THR A 287 6.32 -3.40 -26.27
CA THR A 287 7.42 -3.85 -27.08
C THR A 287 8.74 -3.27 -26.67
N PRO A 288 9.83 -4.04 -26.72
CA PRO A 288 11.12 -3.45 -26.34
C PRO A 288 11.53 -2.27 -27.21
N ASN A 289 12.12 -1.27 -26.56
CA ASN A 289 12.55 -0.06 -27.23
C ASN A 289 13.81 -0.26 -28.03
N PRO A 290 13.73 -0.10 -29.36
CA PRO A 290 14.96 -0.31 -30.14
C PRO A 290 16.06 0.64 -29.71
N GLN A 291 15.71 1.83 -29.19
CA GLN A 291 16.78 2.75 -28.78
C GLN A 291 17.50 2.30 -27.53
N ARG A 292 16.98 1.32 -26.82
CA ARG A 292 17.55 0.83 -25.61
C ARG A 292 19.02 0.59 -25.60
N ASN A 293 19.59 -0.15 -26.55
CA ASN A 293 20.96 -0.32 -26.77
C ASN A 293 21.85 -1.24 -26.02
N ASP A 294 22.95 -1.61 -26.72
CA ASP A 294 23.98 -2.45 -26.16
C ASP A 294 25.15 -1.61 -25.65
N SER A 295 25.27 -0.42 -26.20
CA SER A 295 26.33 0.51 -25.76
C SER A 295 25.80 1.27 -24.51
N VAL A 296 24.51 1.12 -24.28
CA VAL A 296 23.83 1.73 -23.15
C VAL A 296 23.55 0.68 -22.07
N PRO A 297 24.22 0.85 -20.96
CA PRO A 297 24.16 -0.09 -19.85
C PRO A 297 22.79 -0.04 -19.18
N THR A 298 22.37 -1.19 -18.65
CA THR A 298 21.07 -1.18 -17.97
C THR A 298 21.26 -0.80 -16.51
N LEU A 299 20.13 -0.60 -15.82
CA LEU A 299 20.22 -0.27 -14.41
C LEU A 299 20.87 -1.43 -13.66
N ALA A 300 20.49 -2.65 -14.08
CA ALA A 300 21.12 -3.81 -13.39
C ALA A 300 22.60 -3.84 -13.70
N GLN A 301 22.98 -3.41 -14.93
CA GLN A 301 24.44 -3.43 -15.17
C GLN A 301 25.11 -2.35 -14.35
N MET A 302 24.49 -1.16 -14.35
CA MET A 302 25.09 -0.09 -13.54
C MET A 302 25.19 -0.51 -12.09
N THR A 303 24.17 -1.18 -11.60
CA THR A 303 24.12 -1.64 -10.21
C THR A 303 25.22 -2.64 -9.90
N ASP A 304 25.39 -3.61 -10.78
CA ASP A 304 26.41 -4.64 -10.66
C ASP A 304 27.81 -4.07 -10.61
N LYS A 305 28.15 -3.17 -11.54
CA LYS A 305 29.48 -2.58 -11.58
C LYS A 305 29.76 -1.68 -10.38
N ALA A 306 28.72 -1.00 -9.87
CA ALA A 306 28.97 -0.12 -8.73
C ALA A 306 29.28 -0.94 -7.49
N ILE A 307 28.52 -2.03 -7.34
CA ILE A 307 28.72 -2.89 -6.18
C ILE A 307 30.13 -3.48 -6.20
N GLU A 308 30.59 -3.82 -7.40
CA GLU A 308 31.91 -4.40 -7.60
C GLU A 308 33.01 -3.46 -7.07
N LEU A 309 32.97 -2.26 -7.60
CA LEU A 309 33.87 -1.19 -7.35
C LEU A 309 33.85 -0.71 -5.91
N LEU A 310 32.65 -0.53 -5.39
CA LEU A 310 32.44 -0.02 -4.04
C LEU A 310 32.75 -1.07 -2.98
N SER A 311 32.66 -2.33 -3.36
CA SER A 311 32.84 -3.41 -2.38
C SER A 311 34.31 -3.59 -2.03
N LYS A 312 35.20 -3.05 -2.83
CA LYS A 312 36.62 -3.08 -2.57
C LYS A 312 37.02 -2.28 -1.34
N ASN A 313 36.15 -1.44 -0.83
CA ASN A 313 36.41 -0.63 0.36
C ASN A 313 36.00 -1.46 1.59
N GLU A 314 37.01 -1.75 2.41
CA GLU A 314 36.86 -2.59 3.57
C GLU A 314 35.98 -2.04 4.64
N LYS A 315 35.92 -0.70 4.76
CA LYS A 315 35.07 -0.14 5.82
C LYS A 315 33.58 -0.34 5.49
N GLY A 316 33.27 -0.43 4.20
CA GLY A 316 31.87 -0.57 3.81
C GLY A 316 31.51 0.48 2.77
N PHE A 317 30.27 0.44 2.30
CA PHE A 317 29.76 1.36 1.32
C PHE A 317 28.27 1.65 1.46
N PHE A 318 27.89 2.78 0.92
CA PHE A 318 26.55 3.29 0.80
C PHE A 318 26.26 3.48 -0.69
N LEU A 319 25.16 2.86 -1.13
CA LEU A 319 24.81 2.97 -2.56
C LEU A 319 23.30 3.21 -2.67
N GLN A 320 22.96 4.24 -3.43
CA GLN A 320 21.55 4.51 -3.73
C GLN A 320 21.35 4.21 -5.24
N VAL A 321 20.28 3.52 -5.56
CA VAL A 321 20.06 3.21 -7.01
C VAL A 321 18.61 3.63 -7.31
N GLU A 322 18.43 4.42 -8.34
CA GLU A 322 17.16 4.91 -8.72
C GLU A 322 16.64 4.45 -10.08
N GLY A 323 15.46 3.83 -10.04
CA GLY A 323 14.67 3.54 -11.24
C GLY A 323 13.77 4.77 -11.49
N ALA A 324 14.35 5.76 -12.12
CA ALA A 324 13.85 7.06 -12.27
C ALA A 324 12.59 7.23 -13.09
N SER A 325 12.48 6.50 -14.19
CA SER A 325 11.49 6.59 -15.18
C SER A 325 10.13 6.06 -14.92
N ILE A 326 9.97 5.33 -13.81
CA ILE A 326 8.57 4.89 -13.48
C ILE A 326 7.73 6.14 -13.30
N ASP A 327 8.20 7.06 -12.44
CA ASP A 327 7.43 8.31 -12.22
C ASP A 327 7.21 9.07 -13.48
N LYS A 328 8.28 9.24 -14.29
CA LYS A 328 8.18 10.07 -15.47
C LYS A 328 7.16 9.55 -16.47
N GLN A 329 7.13 8.23 -16.65
CA GLN A 329 6.16 7.62 -17.58
C GLN A 329 4.77 7.58 -16.98
N ASP A 330 4.72 7.58 -15.65
CA ASP A 330 3.44 7.68 -14.93
C ASP A 330 2.86 9.10 -15.17
N HIS A 331 3.69 10.15 -15.07
CA HIS A 331 3.16 11.51 -15.37
C HIS A 331 2.67 11.55 -16.82
N ALA A 332 3.43 10.90 -17.71
CA ALA A 332 3.11 10.85 -19.11
C ALA A 332 1.94 9.96 -19.48
N ALA A 333 1.33 9.25 -18.53
CA ALA A 333 0.22 8.38 -18.85
C ALA A 333 0.59 7.33 -19.92
N ASN A 334 1.74 6.72 -19.78
CA ASN A 334 2.31 5.72 -20.62
C ASN A 334 2.58 4.41 -19.92
N PRO A 335 1.57 3.53 -19.91
CA PRO A 335 1.67 2.26 -19.23
C PRO A 335 2.87 1.43 -19.53
N CYS A 336 3.18 1.18 -20.82
CA CYS A 336 4.33 0.32 -21.12
C CYS A 336 5.62 0.92 -20.61
N GLY A 337 5.74 2.23 -20.76
CA GLY A 337 6.96 2.90 -20.26
C GLY A 337 7.10 2.70 -18.75
N GLN A 338 6.00 2.93 -18.04
CA GLN A 338 5.89 2.82 -16.61
C GLN A 338 6.22 1.41 -16.13
N ILE A 339 5.56 0.43 -16.75
CA ILE A 339 5.73 -0.97 -16.35
C ILE A 339 7.11 -1.47 -16.69
N GLY A 340 7.55 -1.17 -17.91
CA GLY A 340 8.88 -1.54 -18.34
C GLY A 340 9.93 -0.99 -17.38
N GLU A 341 9.71 0.22 -16.86
CA GLU A 341 10.74 0.78 -15.95
C GLU A 341 10.68 0.12 -14.59
N THR A 342 9.51 -0.47 -14.29
CA THR A 342 9.34 -1.19 -13.05
C THR A 342 9.99 -2.55 -13.09
N VAL A 343 9.87 -3.21 -14.23
CA VAL A 343 10.55 -4.52 -14.44
C VAL A 343 12.06 -4.34 -14.38
N ASP A 344 12.52 -3.24 -14.95
CA ASP A 344 13.94 -2.88 -14.98
C ASP A 344 14.53 -2.77 -13.57
N LEU A 345 13.78 -2.09 -12.70
CA LEU A 345 14.22 -1.91 -11.33
C LEU A 345 14.27 -3.25 -10.60
N ASP A 346 13.31 -4.10 -10.90
CA ASP A 346 13.27 -5.44 -10.30
C ASP A 346 14.58 -6.18 -10.61
N GLU A 347 15.05 -5.98 -11.83
CA GLU A 347 16.29 -6.68 -12.22
C GLU A 347 17.44 -6.16 -11.36
N ALA A 348 17.46 -4.84 -11.16
CA ALA A 348 18.48 -4.21 -10.34
C ALA A 348 18.38 -4.68 -8.90
N VAL A 349 17.14 -4.82 -8.40
CA VAL A 349 16.91 -5.39 -7.12
C VAL A 349 17.43 -6.80 -6.92
N GLN A 350 17.27 -7.65 -7.93
CA GLN A 350 17.86 -8.99 -7.87
C GLN A 350 19.36 -9.00 -7.67
N ARG A 351 20.09 -8.16 -8.41
CA ARG A 351 21.56 -8.16 -8.24
C ARG A 351 21.86 -7.76 -6.80
N ALA A 352 21.09 -6.74 -6.36
CA ALA A 352 21.36 -6.22 -5.02
C ALA A 352 21.27 -7.32 -3.99
N LEU A 353 20.21 -8.12 -4.11
CA LEU A 353 19.92 -9.17 -3.15
C LEU A 353 20.92 -10.32 -3.24
N GLU A 354 21.34 -10.60 -4.45
CA GLU A 354 22.27 -11.72 -4.70
C GLU A 354 23.58 -11.45 -3.91
N PHE A 355 24.04 -10.23 -4.08
CA PHE A 355 25.23 -9.76 -3.37
C PHE A 355 25.02 -9.78 -1.87
N ALA A 356 23.89 -9.23 -1.41
CA ALA A 356 23.58 -9.16 -0.01
C ALA A 356 23.47 -10.49 0.69
N LYS A 357 22.83 -11.46 0.01
CA LYS A 357 22.70 -12.77 0.68
C LYS A 357 24.10 -13.38 0.89
N LYS A 358 24.95 -13.17 -0.10
CA LYS A 358 26.31 -13.67 -0.07
C LYS A 358 27.07 -13.03 1.13
N GLU A 359 27.23 -11.73 1.05
CA GLU A 359 27.91 -10.87 1.97
C GLU A 359 27.49 -10.99 3.41
N GLY A 360 26.20 -11.07 3.71
CA GLY A 360 25.63 -11.21 4.99
C GLY A 360 25.62 -10.04 5.92
N ASN A 361 26.21 -8.91 5.56
CA ASN A 361 26.19 -7.76 6.49
C ASN A 361 25.69 -6.53 5.70
N THR A 362 24.86 -6.83 4.72
CA THR A 362 24.38 -5.73 3.87
C THR A 362 22.91 -5.48 4.08
N LEU A 363 22.55 -4.19 4.20
CA LEU A 363 21.13 -3.88 4.36
C LEU A 363 20.62 -3.37 3.00
N VAL A 364 19.55 -3.97 2.54
CA VAL A 364 18.91 -3.67 1.30
C VAL A 364 17.47 -3.19 1.55
N ILE A 365 17.18 -2.03 0.98
CA ILE A 365 15.88 -1.39 1.14
C ILE A 365 15.28 -1.06 -0.21
N VAL A 366 13.99 -1.37 -0.38
CA VAL A 366 13.33 -1.04 -1.65
C VAL A 366 12.08 -0.23 -1.33
N THR A 367 12.01 0.97 -1.89
CA THR A 367 10.76 1.77 -1.61
C THR A 367 10.60 2.81 -2.67
N ALA A 368 9.70 3.78 -2.47
CA ALA A 368 9.51 4.84 -3.44
C ALA A 368 9.47 6.18 -2.67
N ASP A 369 9.65 7.28 -3.39
CA ASP A 369 9.62 8.59 -2.73
C ASP A 369 8.20 9.05 -2.45
N HIS A 370 7.28 8.65 -3.33
CA HIS A 370 5.87 8.97 -3.14
C HIS A 370 4.98 8.13 -4.03
N ALA A 371 3.65 8.25 -3.81
CA ALA A 371 2.69 7.54 -4.65
C ALA A 371 2.42 8.30 -5.94
N HIS A 372 1.65 7.67 -6.84
CA HIS A 372 1.40 8.26 -8.13
C HIS A 372 -0.01 8.12 -8.62
N ALA A 373 -0.23 8.40 -9.88
CA ALA A 373 -1.52 8.47 -10.49
C ALA A 373 -2.19 7.18 -10.88
N SER A 374 -1.47 6.25 -11.48
CA SER A 374 -1.96 5.02 -12.00
C SER A 374 -2.88 4.21 -11.14
N GLN A 375 -3.99 3.76 -11.72
CA GLN A 375 -4.92 2.88 -11.09
C GLN A 375 -5.31 1.72 -12.03
N ILE A 376 -5.50 0.56 -11.43
CA ILE A 376 -5.96 -0.61 -12.21
C ILE A 376 -7.51 -0.67 -11.97
N VAL A 377 -8.24 -0.59 -13.05
CA VAL A 377 -9.69 -0.65 -13.03
C VAL A 377 -10.26 -1.75 -13.92
N ALA A 378 -11.54 -1.99 -13.75
CA ALA A 378 -12.23 -3.03 -14.53
C ALA A 378 -12.17 -2.74 -16.01
N PRO A 379 -12.17 -3.79 -16.83
CA PRO A 379 -12.06 -3.63 -18.26
C PRO A 379 -13.11 -2.75 -18.91
N ASP A 380 -14.31 -2.71 -18.39
CA ASP A 380 -15.47 -2.01 -18.96
C ASP A 380 -15.65 -0.61 -18.40
N THR A 381 -14.63 -0.11 -17.72
CA THR A 381 -14.69 1.17 -17.06
C THR A 381 -14.86 2.31 -18.07
N LYS A 382 -15.77 3.21 -17.77
CA LYS A 382 -15.99 4.44 -18.52
C LYS A 382 -15.49 5.60 -17.62
N ALA A 383 -14.26 5.97 -17.88
CA ALA A 383 -13.58 6.93 -17.03
C ALA A 383 -13.41 8.29 -17.65
N PRO A 384 -13.35 9.32 -16.80
CA PRO A 384 -13.19 10.69 -17.26
C PRO A 384 -11.81 11.05 -17.73
N GLY A 385 -10.79 10.28 -17.35
CA GLY A 385 -9.43 10.56 -17.74
C GLY A 385 -8.90 9.73 -18.87
N LEU A 386 -7.63 9.35 -18.73
CA LEU A 386 -6.97 8.54 -19.76
C LEU A 386 -6.84 7.09 -19.34
N THR A 387 -7.19 6.21 -20.26
CA THR A 387 -7.15 4.79 -20.05
C THR A 387 -6.53 4.06 -21.27
N GLN A 388 -6.21 2.81 -21.00
CA GLN A 388 -5.62 1.92 -21.99
C GLN A 388 -5.81 0.47 -21.48
N ALA A 389 -6.12 -0.42 -22.40
CA ALA A 389 -6.25 -1.85 -22.12
C ALA A 389 -4.93 -2.53 -22.49
N LEU A 390 -4.48 -3.44 -21.66
CA LEU A 390 -3.20 -4.10 -21.92
C LEU A 390 -3.33 -5.62 -21.88
N ASN A 391 -2.65 -6.29 -22.81
CA ASN A 391 -2.62 -7.76 -22.83
C ASN A 391 -1.50 -8.21 -21.88
N THR A 392 -1.86 -8.85 -20.79
CA THR A 392 -0.87 -9.26 -19.79
C THR A 392 -0.36 -10.67 -20.04
N LYS A 393 0.61 -11.07 -19.23
CA LYS A 393 1.19 -12.39 -19.29
C LYS A 393 0.17 -13.49 -19.08
N ASP A 394 -0.93 -13.21 -18.39
CA ASP A 394 -1.97 -14.19 -18.12
C ASP A 394 -2.84 -14.46 -19.35
N GLY A 395 -2.71 -13.65 -20.38
CA GLY A 395 -3.56 -13.82 -21.56
C GLY A 395 -4.93 -13.19 -21.31
N ALA A 396 -4.91 -12.18 -20.46
CA ALA A 396 -6.12 -11.47 -20.07
C ALA A 396 -5.91 -9.97 -20.20
N VAL A 397 -7.01 -9.23 -20.20
CA VAL A 397 -6.89 -7.78 -20.34
C VAL A 397 -6.83 -7.10 -18.98
N MET A 398 -5.95 -6.11 -18.89
CA MET A 398 -5.90 -5.26 -17.71
C MET A 398 -6.08 -3.80 -18.14
N VAL A 399 -6.91 -3.07 -17.40
CA VAL A 399 -7.08 -1.68 -17.74
C VAL A 399 -6.43 -0.76 -16.72
N MET A 400 -5.64 0.19 -17.25
CA MET A 400 -5.02 1.18 -16.41
C MET A 400 -5.64 2.56 -16.66
N SER A 401 -5.78 3.34 -15.61
CA SER A 401 -6.41 4.61 -15.51
C SER A 401 -5.59 5.72 -14.89
N TYR A 402 -5.61 6.89 -15.53
CA TYR A 402 -4.98 8.09 -15.07
C TYR A 402 -5.97 9.26 -15.07
N GLY A 403 -6.56 9.57 -13.92
CA GLY A 403 -7.57 10.59 -13.87
C GLY A 403 -7.42 11.62 -12.80
N ASN A 404 -6.18 12.08 -12.53
CA ASN A 404 -6.03 13.08 -11.50
C ASN A 404 -5.60 14.42 -12.01
N SER A 405 -5.46 14.57 -13.33
CA SER A 405 -5.09 15.81 -13.92
C SER A 405 -5.69 16.04 -15.32
N GLU A 406 -6.15 17.26 -15.54
CA GLU A 406 -6.65 17.69 -16.83
C GLU A 406 -5.50 18.31 -17.66
N GLU A 407 -4.41 18.58 -16.97
CA GLU A 407 -3.18 19.10 -17.51
C GLU A 407 -2.43 17.99 -18.28
N ASP A 408 -1.32 18.37 -18.85
CA ASP A 408 -0.49 17.47 -19.66
C ASP A 408 0.24 16.44 -18.83
N SER A 409 0.44 16.74 -17.53
CA SER A 409 1.13 15.79 -16.66
C SER A 409 0.19 15.25 -15.59
N GLN A 410 0.18 13.92 -15.43
CA GLN A 410 -0.61 13.34 -14.32
C GLN A 410 0.23 13.51 -13.03
N GLU A 411 -0.43 13.63 -11.93
CA GLU A 411 0.00 13.98 -10.64
C GLU A 411 0.37 12.90 -9.66
N HIS A 412 1.32 13.24 -8.77
CA HIS A 412 1.68 12.43 -7.65
C HIS A 412 0.46 12.32 -6.70
N THR A 413 0.47 11.26 -5.92
CA THR A 413 -0.57 11.07 -4.93
C THR A 413 0.05 10.85 -3.55
N GLY A 414 -0.70 11.17 -2.52
CA GLY A 414 -0.30 11.23 -1.16
C GLY A 414 -0.38 10.00 -0.33
N SER A 415 -0.85 8.89 -0.87
CA SER A 415 -1.00 7.68 -0.08
C SER A 415 0.32 7.15 0.49
N GLN A 416 0.23 6.59 1.69
CA GLN A 416 1.31 5.82 2.28
C GLN A 416 1.56 4.60 1.38
N LEU A 417 2.79 4.10 1.40
CA LEU A 417 3.13 3.05 0.46
C LEU A 417 4.16 2.11 1.01
N ARG A 418 4.36 1.01 0.29
CA ARG A 418 5.29 -0.01 0.65
C ARG A 418 6.73 0.40 0.82
N ILE A 419 7.31 -0.10 1.92
CA ILE A 419 8.73 -0.08 2.09
C ILE A 419 9.17 -1.49 2.51
N ALA A 420 10.23 -1.99 1.92
CA ALA A 420 10.60 -3.40 2.20
C ALA A 420 12.13 -3.45 2.39
N ALA A 421 12.56 -4.42 3.17
CA ALA A 421 14.00 -4.49 3.42
C ALA A 421 14.45 -5.90 3.76
N TYR A 422 15.74 -6.10 3.59
CA TYR A 422 16.43 -7.34 3.89
C TYR A 422 17.80 -6.98 4.51
N GLY A 423 18.16 -7.72 5.53
CA GLY A 423 19.42 -7.56 6.19
C GLY A 423 19.36 -7.06 7.60
N PRO A 424 20.56 -6.79 8.13
CA PRO A 424 20.70 -6.27 9.50
C PRO A 424 19.92 -4.95 9.64
N HIS A 425 19.13 -4.80 10.68
CA HIS A 425 18.35 -3.63 10.94
C HIS A 425 17.10 -3.47 10.09
N ALA A 426 16.75 -4.48 9.32
CA ALA A 426 15.62 -4.48 8.43
C ALA A 426 14.31 -4.34 9.18
N ALA A 427 14.32 -4.71 10.46
CA ALA A 427 13.12 -4.61 11.27
C ALA A 427 12.59 -3.20 11.36
N ASN A 428 13.44 -2.18 11.17
CA ASN A 428 13.01 -0.82 11.32
C ASN A 428 12.10 -0.31 10.26
N VAL A 429 11.78 -1.15 9.26
CA VAL A 429 10.85 -0.77 8.21
C VAL A 429 9.48 -1.35 8.40
N VAL A 430 9.35 -2.22 9.39
CA VAL A 430 8.05 -2.86 9.62
C VAL A 430 7.11 -1.94 10.37
N GLY A 431 5.82 -2.13 10.13
CA GLY A 431 4.77 -1.31 10.67
C GLY A 431 4.67 0.04 9.95
N LEU A 432 4.09 1.01 10.64
CA LEU A 432 3.99 2.36 10.12
C LEU A 432 5.24 3.18 10.56
N THR A 433 5.88 3.77 9.59
CA THR A 433 7.04 4.63 9.84
C THR A 433 6.91 5.88 8.97
N ASP A 434 7.81 6.83 9.19
CA ASP A 434 7.86 8.02 8.37
C ASP A 434 9.11 7.92 7.46
N GLN A 435 9.05 8.63 6.37
CA GLN A 435 10.15 8.72 5.44
C GLN A 435 11.41 9.25 6.08
N THR A 436 11.25 10.11 7.10
CA THR A 436 12.48 10.60 7.77
C THR A 436 13.06 9.52 8.67
N ASP A 437 12.24 8.56 9.11
CA ASP A 437 12.84 7.48 9.95
C ASP A 437 13.87 6.71 9.13
N LEU A 438 13.68 6.67 7.80
CA LEU A 438 14.64 5.95 6.98
C LEU A 438 16.04 6.50 7.09
N PHE A 439 16.16 7.81 7.32
CA PHE A 439 17.52 8.40 7.46
C PHE A 439 18.16 7.86 8.74
N TYR A 440 17.42 7.93 9.82
CA TYR A 440 17.87 7.44 11.12
C TYR A 440 18.19 5.99 11.17
N THR A 441 17.41 5.18 10.46
CA THR A 441 17.64 3.77 10.33
C THR A 441 18.96 3.46 9.65
N MET A 442 19.25 4.15 8.54
CA MET A 442 20.48 3.87 7.81
C MET A 442 21.70 4.37 8.58
N LYS A 443 21.50 5.52 9.22
CA LYS A 443 22.61 6.10 10.00
C LYS A 443 22.99 5.10 11.10
N ALA A 444 21.95 4.68 11.83
CA ALA A 444 22.21 3.74 12.92
C ALA A 444 22.73 2.41 12.42
N ALA A 445 22.18 1.93 11.30
CA ALA A 445 22.65 0.63 10.81
C ALA A 445 24.13 0.72 10.48
N LEU A 446 24.60 1.84 9.92
CA LEU A 446 26.02 1.96 9.60
C LEU A 446 26.86 2.41 10.79
N GLY A 447 26.21 2.69 11.93
CA GLY A 447 26.93 3.16 13.08
C GLY A 447 27.54 4.52 12.87
N LEU A 448 26.82 5.42 12.17
CA LEU A 448 27.41 6.75 11.94
C LEU A 448 27.10 7.67 13.13
N LYS A 449 28.12 8.39 13.55
CA LYS A 449 27.91 9.39 14.63
C LYS A 449 27.29 10.63 13.98
N THR B 1 -1.45 -9.73 28.41
CA THR B 1 -0.05 -10.07 28.57
C THR B 1 0.87 -8.99 28.04
N PRO B 2 1.88 -8.61 28.83
CA PRO B 2 2.82 -7.59 28.30
C PRO B 2 3.65 -8.30 27.19
N GLU B 3 3.38 -9.62 27.20
CA GLU B 3 4.00 -10.51 26.21
C GLU B 3 3.95 -9.89 24.85
N MET B 4 2.78 -9.77 24.27
CA MET B 4 2.84 -9.23 22.94
C MET B 4 2.39 -7.80 22.89
N PRO B 5 3.41 -7.07 22.49
CA PRO B 5 3.38 -5.65 22.33
C PRO B 5 2.46 -5.29 21.20
N VAL B 6 1.87 -4.13 21.30
CA VAL B 6 1.25 -3.40 20.18
C VAL B 6 1.94 -2.00 20.12
N LEU B 7 2.12 -1.42 18.95
CA LEU B 7 2.79 -0.09 18.85
C LEU B 7 1.99 0.93 19.61
N GLU B 8 2.53 1.51 20.68
CA GLU B 8 1.63 2.43 21.44
C GLU B 8 1.66 3.82 20.84
N ASN B 9 2.82 4.19 20.28
CA ASN B 9 3.03 5.47 19.71
C ASN B 9 3.84 5.53 18.46
N ARG B 10 3.13 5.63 17.32
CA ARG B 10 3.89 5.82 16.07
C ARG B 10 3.56 7.18 15.52
N ALA B 11 3.36 8.14 16.47
CA ALA B 11 3.09 9.50 15.98
C ALA B 11 4.47 10.23 15.85
N ALA B 12 4.47 11.24 15.02
CA ALA B 12 5.63 12.13 14.84
C ALA B 12 6.13 12.52 16.26
N GLN B 13 7.41 12.30 16.49
CA GLN B 13 8.04 12.53 17.75
C GLN B 13 8.10 13.93 18.22
N GLY B 14 8.08 14.94 17.30
CA GLY B 14 8.13 16.29 17.78
C GLY B 14 7.77 17.37 16.79
N ASP B 15 8.65 18.36 16.68
CA ASP B 15 8.41 19.49 15.74
C ASP B 15 8.79 18.99 14.33
N ILE B 16 7.77 18.88 13.50
CA ILE B 16 7.90 18.32 12.16
C ILE B 16 8.81 19.10 11.26
N THR B 17 9.06 20.37 11.63
CA THR B 17 9.93 21.19 10.79
C THR B 17 11.39 21.02 11.21
N ALA B 18 11.59 20.34 12.33
CA ALA B 18 12.95 20.23 12.89
C ALA B 18 13.57 18.88 12.56
N PRO B 19 14.92 18.81 12.54
CA PRO B 19 15.54 17.50 12.30
C PRO B 19 15.05 16.44 13.25
N GLY B 20 14.61 15.31 12.67
CA GLY B 20 14.12 14.22 13.48
C GLY B 20 12.78 14.45 14.09
N GLY B 21 12.19 15.65 13.97
CA GLY B 21 10.90 15.83 14.64
C GLY B 21 9.77 15.06 14.04
N ALA B 22 9.91 14.52 12.83
CA ALA B 22 8.79 13.81 12.20
C ALA B 22 8.91 12.30 12.29
N ARG B 23 9.99 11.84 12.91
CA ARG B 23 10.19 10.42 13.11
C ARG B 23 9.00 9.83 13.91
N ARG B 24 8.67 8.60 13.59
CA ARG B 24 7.65 7.84 14.27
C ARG B 24 8.28 6.80 15.20
N LEU B 25 9.54 6.47 14.93
CA LEU B 25 10.28 5.53 15.75
C LEU B 25 11.12 6.24 16.81
N THR B 26 11.23 5.62 17.97
CA THR B 26 12.03 6.18 19.06
C THR B 26 13.37 5.44 19.20
N GLY B 27 13.44 4.26 18.61
CA GLY B 27 14.63 3.43 18.64
C GLY B 27 14.48 2.13 17.84
N ASP B 28 15.49 1.29 17.86
CA ASP B 28 15.56 0.02 17.16
C ASP B 28 14.40 -0.90 17.50
N GLN B 29 13.81 -1.55 16.50
CA GLN B 29 12.61 -2.33 16.69
C GLN B 29 12.83 -3.83 16.67
N THR B 30 14.05 -4.24 16.34
CA THR B 30 14.38 -5.65 16.21
C THR B 30 13.86 -6.46 17.38
N ALA B 31 14.19 -5.98 18.57
CA ALA B 31 13.77 -6.71 19.76
C ALA B 31 12.30 -6.77 19.93
N ALA B 32 11.60 -5.66 19.69
CA ALA B 32 10.14 -5.70 19.88
C ALA B 32 9.52 -6.67 18.87
N LEU B 33 10.13 -6.72 17.69
CA LEU B 33 9.64 -7.60 16.64
C LEU B 33 9.80 -9.06 17.00
N ARG B 34 10.98 -9.41 17.52
CA ARG B 34 11.20 -10.80 17.91
C ARG B 34 10.12 -11.17 18.94
N ASP B 35 9.80 -10.25 19.83
CA ASP B 35 8.83 -10.47 20.88
C ASP B 35 7.40 -10.54 20.36
N SER B 36 7.23 -10.17 19.10
CA SER B 36 5.87 -10.16 18.52
C SER B 36 5.62 -11.48 17.78
N LEU B 37 6.59 -12.37 17.82
CA LEU B 37 6.58 -13.61 17.07
C LEU B 37 6.29 -14.84 17.85
N SER B 38 5.16 -15.49 17.55
CA SER B 38 4.89 -16.75 18.27
C SER B 38 4.10 -17.70 17.36
N ASP B 39 4.44 -18.96 17.40
CA ASP B 39 3.82 -20.04 16.66
C ASP B 39 2.87 -20.82 17.56
N LYS B 40 2.63 -20.27 18.77
CA LYS B 40 1.64 -20.99 19.60
C LYS B 40 0.29 -20.93 18.93
N PRO B 41 -0.60 -21.85 19.23
CA PRO B 41 -1.91 -21.77 18.56
C PRO B 41 -2.73 -20.59 19.07
N ALA B 42 -3.68 -20.16 18.23
CA ALA B 42 -4.59 -19.11 18.61
C ALA B 42 -5.89 -19.75 19.14
N LYS B 43 -6.38 -19.21 20.24
CA LYS B 43 -7.62 -19.64 20.86
C LYS B 43 -8.79 -18.96 20.13
N ASN B 44 -8.59 -17.67 19.87
CA ASN B 44 -9.59 -16.87 19.20
C ASN B 44 -9.00 -16.12 18.00
N ILE B 45 -9.89 -15.77 17.07
CA ILE B 45 -9.51 -14.92 15.96
C ILE B 45 -10.53 -13.78 15.79
N ILE B 46 -10.00 -12.58 15.67
CA ILE B 46 -10.80 -11.40 15.39
C ILE B 46 -10.32 -10.74 14.09
N LEU B 47 -11.17 -10.84 13.09
CA LEU B 47 -10.93 -10.35 11.77
C LEU B 47 -11.72 -9.09 11.48
N LEU B 48 -10.99 -7.98 11.36
CA LEU B 48 -11.58 -6.71 11.05
C LEU B 48 -11.32 -6.25 9.62
N ILE B 49 -12.42 -6.04 8.90
CA ILE B 49 -12.51 -5.62 7.57
C ILE B 49 -13.00 -4.23 7.32
N GLY B 50 -12.14 -3.42 6.72
CA GLY B 50 -12.56 -2.09 6.24
C GLY B 50 -12.87 -2.27 4.75
N ASP B 51 -14.15 -2.29 4.41
CA ASP B 51 -14.45 -2.55 2.98
C ASP B 51 -13.97 -1.37 2.15
N GLY B 52 -13.11 -1.64 1.18
CA GLY B 52 -12.55 -0.66 0.30
C GLY B 52 -11.44 0.17 0.92
N MET B 53 -10.98 -0.19 2.09
CA MET B 53 -9.98 0.49 2.88
C MET B 53 -8.56 0.20 2.44
N GLY B 54 -8.15 0.75 1.31
CA GLY B 54 -6.75 0.57 0.89
C GLY B 54 -5.86 1.58 1.62
N ASP B 55 -4.60 1.62 1.24
CA ASP B 55 -3.65 2.52 1.89
C ASP B 55 -4.00 3.96 1.74
N SER B 56 -4.51 4.34 0.57
CA SER B 56 -4.94 5.74 0.34
C SER B 56 -6.05 6.10 1.32
N GLU B 57 -7.05 5.24 1.46
CA GLU B 57 -8.16 5.45 2.36
C GLU B 57 -7.66 5.65 3.79
N ILE B 58 -6.74 4.78 4.20
CA ILE B 58 -6.22 4.92 5.56
C ILE B 58 -5.49 6.25 5.73
N THR B 59 -4.62 6.56 4.77
CA THR B 59 -3.83 7.79 4.86
C THR B 59 -4.74 9.01 4.93
N ALA B 60 -5.73 9.04 4.04
CA ALA B 60 -6.67 10.16 3.96
C ALA B 60 -7.38 10.35 5.31
N ALA B 61 -7.77 9.21 5.89
CA ALA B 61 -8.50 9.23 7.13
C ALA B 61 -7.63 9.73 8.28
N ARG B 62 -6.36 9.31 8.27
CA ARG B 62 -5.39 9.71 9.28
C ARG B 62 -5.06 11.20 9.16
N ASN B 63 -4.83 11.68 7.96
CA ASN B 63 -4.50 13.08 7.71
C ASN B 63 -5.60 14.00 8.25
N TYR B 64 -6.84 13.64 7.95
CA TYR B 64 -7.99 14.38 8.37
C TYR B 64 -8.23 14.38 9.85
N ALA B 65 -8.36 13.21 10.47
CA ALA B 65 -8.66 13.07 11.87
C ALA B 65 -7.52 13.19 12.84
N GLU B 66 -6.33 12.77 12.47
CA GLU B 66 -5.17 12.78 13.33
C GLU B 66 -4.04 13.69 12.86
N GLY B 67 -4.15 14.25 11.66
CA GLY B 67 -3.05 15.06 11.11
C GLY B 67 -2.00 14.09 10.50
N ALA B 68 -1.31 14.56 9.51
CA ALA B 68 -0.27 13.83 8.79
C ALA B 68 0.65 13.06 9.71
N GLY B 69 1.07 13.68 10.82
CA GLY B 69 1.98 13.06 11.74
C GLY B 69 1.27 12.33 12.85
N GLY B 70 -0.06 12.22 12.75
CA GLY B 70 -0.83 11.54 13.76
C GLY B 70 -0.69 10.02 13.64
N PHE B 71 -1.55 9.31 14.38
CA PHE B 71 -1.44 7.83 14.36
C PHE B 71 -2.78 7.26 14.84
N PHE B 72 -3.26 6.24 14.16
CA PHE B 72 -4.53 5.59 14.52
C PHE B 72 -4.26 4.54 15.62
N LYS B 73 -4.79 4.77 16.81
CA LYS B 73 -4.55 3.95 17.96
C LYS B 73 -4.90 2.48 17.75
N GLY B 74 -5.80 2.21 16.81
CA GLY B 74 -6.15 0.84 16.47
C GLY B 74 -5.46 0.38 15.20
N ILE B 75 -5.94 0.94 14.10
CA ILE B 75 -5.48 0.56 12.78
C ILE B 75 -3.98 0.56 12.60
N ASP B 76 -3.30 1.59 13.11
CA ASP B 76 -1.88 1.77 12.94
C ASP B 76 -1.05 1.05 13.97
N ALA B 77 -1.65 0.44 14.98
CA ALA B 77 -0.97 -0.18 16.09
C ALA B 77 -0.61 -1.62 15.93
N LEU B 78 -1.01 -2.22 14.83
CA LEU B 78 -0.66 -3.65 14.62
C LEU B 78 0.76 -3.74 14.14
N PRO B 79 1.61 -4.50 14.83
CA PRO B 79 3.01 -4.56 14.60
C PRO B 79 3.49 -5.26 13.36
N LEU B 80 2.78 -6.28 12.92
CA LEU B 80 3.22 -7.07 11.76
C LEU B 80 2.41 -6.71 10.54
N THR B 81 3.12 -6.28 9.50
CA THR B 81 2.46 -5.74 8.33
C THR B 81 2.95 -6.34 7.03
N GLY B 82 2.04 -6.40 6.06
CA GLY B 82 2.40 -6.83 4.72
C GLY B 82 1.45 -6.21 3.69
N GLN B 83 1.50 -6.75 2.49
CA GLN B 83 0.68 -6.36 1.35
C GLN B 83 0.10 -7.64 0.70
N TYR B 84 -1.19 -7.66 0.44
CA TYR B 84 -1.82 -8.83 -0.17
C TYR B 84 -2.53 -8.56 -1.46
N THR B 85 -2.69 -9.58 -2.30
CA THR B 85 -3.35 -9.55 -3.58
C THR B 85 -4.77 -10.10 -3.51
N HIS B 86 -5.70 -9.46 -4.23
CA HIS B 86 -7.11 -9.84 -4.14
C HIS B 86 -7.76 -9.98 -5.50
N TYR B 87 -6.98 -10.24 -6.55
CA TYR B 87 -7.60 -10.40 -7.85
C TYR B 87 -8.61 -11.56 -7.82
N ALA B 88 -9.61 -11.43 -8.66
CA ALA B 88 -10.62 -12.46 -8.82
C ALA B 88 -10.32 -13.26 -10.10
N LEU B 89 -11.30 -14.05 -10.55
CA LEU B 89 -11.12 -14.84 -11.81
C LEU B 89 -12.30 -14.52 -12.75
N ASN B 90 -12.05 -14.68 -14.04
CA ASN B 90 -13.16 -14.59 -15.01
C ASN B 90 -13.89 -15.96 -14.99
N LYS B 91 -15.19 -15.97 -14.84
CA LYS B 91 -15.94 -17.22 -14.74
C LYS B 91 -15.76 -18.11 -15.96
N LYS B 92 -15.94 -17.54 -17.12
CA LYS B 92 -15.82 -18.24 -18.39
C LYS B 92 -14.46 -18.94 -18.52
N THR B 93 -13.40 -18.16 -18.39
CA THR B 93 -12.06 -18.56 -18.65
C THR B 93 -11.19 -19.02 -17.55
N GLY B 94 -11.44 -18.70 -16.28
CA GLY B 94 -10.53 -19.11 -15.21
C GLY B 94 -9.28 -18.24 -15.16
N LYS B 95 -9.17 -17.25 -16.04
CA LYS B 95 -8.00 -16.35 -16.03
C LYS B 95 -8.28 -15.23 -15.02
N PRO B 96 -7.23 -14.62 -14.51
CA PRO B 96 -7.42 -13.52 -13.56
C PRO B 96 -8.28 -12.39 -14.09
N ASP B 97 -9.07 -11.87 -13.19
CA ASP B 97 -9.84 -10.64 -13.33
C ASP B 97 -9.27 -9.64 -12.29
N TYR B 98 -8.45 -8.73 -12.76
CA TYR B 98 -7.69 -7.85 -11.96
C TYR B 98 -8.36 -7.05 -10.91
N VAL B 99 -9.64 -6.73 -11.12
CA VAL B 99 -10.36 -5.93 -10.15
C VAL B 99 -11.55 -6.66 -9.58
N THR B 100 -11.43 -7.08 -8.32
CA THR B 100 -12.49 -7.82 -7.68
C THR B 100 -13.63 -6.96 -7.19
N ASP B 101 -14.76 -7.60 -6.96
CA ASP B 101 -15.89 -7.01 -6.27
C ASP B 101 -15.85 -7.47 -4.81
N SER B 102 -16.80 -7.06 -4.00
CA SER B 102 -16.82 -7.40 -2.59
C SER B 102 -17.18 -8.85 -2.34
N ALA B 103 -17.89 -9.48 -3.29
CA ALA B 103 -18.32 -10.88 -3.04
C ALA B 103 -17.19 -11.86 -3.27
N ALA B 104 -16.46 -11.68 -4.38
CA ALA B 104 -15.36 -12.59 -4.70
C ALA B 104 -14.24 -12.51 -3.68
N SER B 105 -13.88 -11.32 -3.25
CA SER B 105 -12.80 -11.18 -2.26
C SER B 105 -13.15 -11.78 -0.95
N ALA B 106 -14.41 -11.54 -0.49
CA ALA B 106 -14.81 -12.14 0.81
C ALA B 106 -14.81 -13.65 0.71
N THR B 107 -15.26 -14.14 -0.46
CA THR B 107 -15.24 -15.62 -0.64
C THR B 107 -13.84 -16.13 -0.52
N ALA B 108 -12.87 -15.42 -1.10
CA ALA B 108 -11.48 -15.82 -0.97
C ALA B 108 -10.98 -16.03 0.42
N TRP B 109 -11.20 -15.06 1.34
CA TRP B 109 -10.64 -15.25 2.68
C TRP B 109 -11.49 -16.20 3.50
N SER B 110 -12.78 -16.31 3.14
CA SER B 110 -13.67 -17.15 3.91
C SER B 110 -13.60 -18.61 3.58
N THR B 111 -13.14 -18.96 2.38
CA THR B 111 -13.06 -20.33 1.97
C THR B 111 -11.74 -20.75 1.36
N GLY B 112 -10.86 -19.82 1.05
CA GLY B 112 -9.53 -20.17 0.50
C GLY B 112 -9.52 -20.49 -0.96
N VAL B 113 -10.58 -20.12 -1.70
CA VAL B 113 -10.62 -20.38 -3.12
C VAL B 113 -11.03 -19.15 -3.88
N LYS B 114 -10.36 -18.90 -5.00
CA LYS B 114 -10.67 -17.79 -5.85
C LYS B 114 -12.00 -18.04 -6.57
N THR B 115 -12.71 -16.93 -6.84
CA THR B 115 -13.95 -17.04 -7.54
C THR B 115 -14.20 -15.88 -8.48
N TYR B 116 -15.39 -15.82 -9.08
CA TYR B 116 -15.78 -14.78 -10.01
C TYR B 116 -16.53 -13.65 -9.32
N ASN B 117 -16.47 -12.46 -9.89
CA ASN B 117 -17.17 -11.33 -9.23
C ASN B 117 -18.62 -11.60 -9.07
N GLY B 118 -19.16 -11.47 -7.86
CA GLY B 118 -20.58 -11.72 -7.70
C GLY B 118 -20.90 -12.98 -6.93
N ALA B 119 -20.00 -13.95 -6.96
CA ALA B 119 -20.19 -15.21 -6.27
C ALA B 119 -20.04 -15.08 -4.77
N LEU B 120 -20.82 -15.89 -4.05
CA LEU B 120 -20.68 -16.03 -2.63
C LEU B 120 -20.52 -17.49 -2.21
N GLY B 121 -19.35 -17.84 -1.67
CA GLY B 121 -19.15 -19.16 -1.14
C GLY B 121 -19.18 -20.30 -2.11
N VAL B 122 -18.95 -20.04 -3.39
CA VAL B 122 -18.84 -20.99 -4.46
C VAL B 122 -17.66 -20.63 -5.39
N ASP B 123 -17.09 -21.63 -6.01
CA ASP B 123 -16.01 -21.52 -6.96
C ASP B 123 -16.49 -21.17 -8.35
N ILE B 124 -15.57 -21.25 -9.34
CA ILE B 124 -16.02 -20.86 -10.68
C ILE B 124 -16.97 -21.91 -11.28
N HIS B 125 -17.05 -23.07 -10.66
CA HIS B 125 -17.91 -24.15 -11.15
C HIS B 125 -19.27 -24.15 -10.46
N GLU B 126 -19.53 -23.19 -9.60
CA GLU B 126 -20.72 -23.03 -8.83
C GLU B 126 -20.87 -24.04 -7.72
N LYS B 127 -19.75 -24.67 -7.40
CA LYS B 127 -19.70 -25.63 -6.33
C LYS B 127 -19.29 -24.94 -5.02
N ASP B 128 -19.98 -25.30 -3.97
CA ASP B 128 -19.87 -24.90 -2.64
C ASP B 128 -18.55 -25.37 -2.00
N HIS B 129 -17.99 -24.49 -1.22
CA HIS B 129 -16.85 -24.69 -0.37
C HIS B 129 -17.18 -24.12 1.03
N PRO B 130 -16.86 -24.89 2.04
CA PRO B 130 -17.10 -24.49 3.42
C PRO B 130 -16.36 -23.22 3.79
N THR B 131 -17.04 -22.38 4.58
CA THR B 131 -16.47 -21.13 5.06
C THR B 131 -15.78 -21.37 6.41
N ILE B 132 -14.92 -20.43 6.77
CA ILE B 132 -14.18 -20.55 8.04
C ILE B 132 -15.15 -20.52 9.22
N LEU B 133 -16.21 -19.74 9.08
CA LEU B 133 -17.24 -19.67 10.13
C LEU B 133 -17.91 -21.01 10.30
N GLU B 134 -18.32 -21.63 9.18
CA GLU B 134 -18.96 -22.96 9.31
C GLU B 134 -17.99 -23.93 9.97
N MET B 135 -16.73 -23.82 9.59
CA MET B 135 -15.70 -24.71 10.07
C MET B 135 -15.45 -24.58 11.55
N ALA B 136 -15.48 -23.31 12.01
CA ALA B 136 -15.26 -23.05 13.43
C ALA B 136 -16.39 -23.66 14.26
N LYS B 137 -17.60 -23.44 13.81
CA LYS B 137 -18.80 -23.97 14.49
C LYS B 137 -18.65 -25.50 14.58
N ALA B 138 -18.38 -26.09 13.41
CA ALA B 138 -18.24 -27.54 13.36
C ALA B 138 -17.27 -28.00 14.45
N ALA B 139 -16.25 -27.19 14.70
CA ALA B 139 -15.22 -27.53 15.65
C ALA B 139 -15.58 -27.22 17.09
N GLY B 140 -16.73 -26.56 17.29
CA GLY B 140 -17.17 -26.18 18.60
C GLY B 140 -16.80 -24.80 19.03
N LEU B 141 -16.30 -23.95 18.14
CA LEU B 141 -15.94 -22.60 18.58
C LEU B 141 -17.19 -21.69 18.50
N ALA B 142 -17.16 -20.64 19.31
CA ALA B 142 -18.24 -19.64 19.17
C ALA B 142 -17.93 -18.83 17.90
N THR B 143 -18.96 -18.41 17.22
CA THR B 143 -18.77 -17.68 15.96
C THR B 143 -19.65 -16.42 15.98
N GLY B 144 -19.11 -15.33 15.48
CA GLY B 144 -19.68 -14.03 15.40
C GLY B 144 -19.52 -13.33 14.07
N ASN B 145 -20.56 -12.61 13.67
CA ASN B 145 -20.56 -11.95 12.37
C ASN B 145 -21.18 -10.57 12.52
N VAL B 146 -20.33 -9.54 12.38
CA VAL B 146 -20.78 -8.18 12.64
C VAL B 146 -20.42 -7.22 11.52
N SER B 147 -21.39 -6.40 11.12
CA SER B 147 -21.17 -5.42 10.07
C SER B 147 -22.09 -4.21 10.26
N THR B 148 -21.79 -3.14 9.55
CA THR B 148 -22.64 -1.94 9.56
C THR B 148 -23.53 -1.91 8.32
N ALA B 149 -23.34 -2.91 7.45
CA ALA B 149 -24.20 -2.95 6.25
C ALA B 149 -25.38 -3.90 6.50
N GLU B 150 -26.19 -4.04 5.46
CA GLU B 150 -27.26 -5.05 5.54
C GLU B 150 -26.52 -6.42 5.69
N LEU B 151 -27.05 -7.30 6.51
CA LEU B 151 -26.52 -8.61 6.74
C LEU B 151 -26.46 -9.47 5.50
N GLN B 152 -27.28 -9.15 4.50
CA GLN B 152 -27.28 -9.84 3.23
C GLN B 152 -26.15 -9.37 2.33
N ASP B 153 -25.47 -8.29 2.75
CA ASP B 153 -24.36 -7.74 1.97
C ASP B 153 -23.26 -8.75 1.76
N ALA B 154 -22.57 -8.60 0.64
CA ALA B 154 -21.52 -9.51 0.24
C ALA B 154 -20.61 -9.88 1.39
N THR B 155 -20.11 -8.86 2.09
CA THR B 155 -19.16 -9.06 3.15
C THR B 155 -19.50 -10.02 4.22
N PRO B 156 -20.58 -9.78 5.00
CA PRO B 156 -20.92 -10.76 6.03
C PRO B 156 -21.64 -11.98 5.44
N ALA B 157 -22.30 -11.80 4.31
CA ALA B 157 -23.05 -12.89 3.67
C ALA B 157 -22.11 -14.05 3.34
N ALA B 158 -20.89 -13.71 2.97
CA ALA B 158 -19.87 -14.64 2.60
C ALA B 158 -19.49 -15.68 3.59
N LEU B 159 -19.73 -15.51 4.90
CA LEU B 159 -19.39 -16.55 5.86
C LEU B 159 -20.48 -17.57 6.09
N VAL B 160 -21.69 -17.27 5.66
CA VAL B 160 -22.82 -18.15 5.99
C VAL B 160 -23.61 -18.55 4.76
N ALA B 161 -23.26 -18.06 3.58
CA ALA B 161 -24.08 -18.37 2.42
C ALA B 161 -23.32 -18.73 1.16
N HIS B 162 -23.95 -19.60 0.36
CA HIS B 162 -23.34 -20.04 -0.90
C HIS B 162 -24.40 -19.90 -2.02
N VAL B 163 -24.22 -18.87 -2.80
CA VAL B 163 -25.08 -18.52 -3.91
C VAL B 163 -24.29 -18.07 -5.12
N THR B 164 -24.89 -18.27 -6.28
CA THR B 164 -24.21 -17.94 -7.52
C THR B 164 -24.16 -16.45 -7.76
N SER B 165 -25.03 -15.71 -7.11
CA SER B 165 -25.10 -14.27 -7.21
C SER B 165 -25.42 -13.62 -5.85
N ARG B 166 -24.71 -12.56 -5.56
CA ARG B 166 -24.77 -11.77 -4.37
C ARG B 166 -26.10 -11.05 -4.18
N LYS B 167 -26.79 -10.81 -5.27
CA LYS B 167 -28.08 -10.15 -5.33
C LYS B 167 -29.19 -11.00 -4.71
N CYS B 168 -28.93 -12.28 -4.52
CA CYS B 168 -29.93 -13.22 -4.01
C CYS B 168 -30.17 -13.13 -2.55
N TYR B 169 -30.62 -11.95 -2.12
CA TYR B 169 -30.84 -11.60 -0.74
C TYR B 169 -31.86 -12.46 -0.02
N GLY B 170 -33.04 -12.53 -0.59
CA GLY B 170 -34.18 -13.25 -0.08
C GLY B 170 -34.86 -14.08 -1.19
N PRO B 171 -35.86 -14.81 -0.79
CA PRO B 171 -36.66 -15.71 -1.61
C PRO B 171 -37.02 -15.12 -2.95
N SER B 172 -37.59 -13.90 -2.90
CA SER B 172 -37.99 -13.23 -4.11
C SER B 172 -36.89 -13.13 -5.14
N ALA B 173 -35.76 -12.54 -4.76
CA ALA B 173 -34.69 -12.33 -5.75
C ALA B 173 -34.07 -13.66 -6.17
N THR B 174 -33.96 -14.55 -5.20
CA THR B 174 -33.32 -15.84 -5.44
C THR B 174 -33.99 -16.64 -6.54
N SER B 175 -35.31 -16.77 -6.44
CA SER B 175 -36.09 -17.51 -7.44
C SER B 175 -35.82 -16.94 -8.81
N GLU B 176 -35.63 -15.62 -8.84
CA GLU B 176 -35.34 -14.96 -10.12
C GLU B 176 -33.87 -15.22 -10.53
N LYS B 177 -32.98 -14.67 -9.72
CA LYS B 177 -31.59 -14.60 -9.86
C LYS B 177 -30.74 -15.80 -9.60
N CYS B 178 -31.12 -16.65 -8.64
CA CYS B 178 -30.29 -17.83 -8.36
C CYS B 178 -31.21 -19.07 -8.27
N PRO B 179 -31.84 -19.41 -9.37
CA PRO B 179 -32.79 -20.52 -9.44
C PRO B 179 -32.29 -21.78 -8.76
N GLY B 180 -31.05 -22.15 -9.06
CA GLY B 180 -30.44 -23.33 -8.46
C GLY B 180 -30.33 -23.23 -6.95
N ASN B 181 -30.39 -22.02 -6.39
CA ASN B 181 -30.28 -21.86 -4.95
C ASN B 181 -31.65 -21.67 -4.32
N ALA B 182 -32.63 -21.38 -5.15
CA ALA B 182 -34.01 -21.19 -4.72
C ALA B 182 -34.49 -22.39 -3.92
N LEU B 183 -34.91 -22.14 -2.69
CA LEU B 183 -35.30 -23.19 -1.77
C LEU B 183 -36.25 -24.19 -2.44
N GLU B 184 -37.23 -23.61 -3.12
CA GLU B 184 -38.22 -24.38 -3.83
C GLU B 184 -37.61 -25.26 -4.88
N LYS B 185 -36.73 -24.72 -5.72
CA LYS B 185 -36.06 -25.50 -6.75
C LYS B 185 -35.09 -26.52 -6.17
N GLY B 186 -35.15 -26.72 -4.86
CA GLY B 186 -34.25 -27.67 -4.21
C GLY B 186 -32.98 -27.05 -3.69
N GLY B 187 -32.72 -25.79 -4.02
CA GLY B 187 -31.50 -25.14 -3.59
C GLY B 187 -31.40 -25.00 -2.08
N LYS B 188 -30.27 -24.46 -1.61
CA LYS B 188 -30.02 -24.26 -0.20
C LYS B 188 -30.75 -23.06 0.35
N GLY B 189 -31.26 -22.21 -0.55
CA GLY B 189 -32.02 -21.07 -0.06
C GLY B 189 -31.32 -19.74 -0.30
N SER B 190 -32.05 -18.66 -0.05
CA SER B 190 -31.55 -17.31 -0.24
C SER B 190 -30.48 -16.99 0.82
N ILE B 191 -29.74 -15.92 0.61
CA ILE B 191 -28.67 -15.57 1.59
C ILE B 191 -29.25 -15.55 2.98
N THR B 192 -30.40 -14.87 3.11
CA THR B 192 -31.01 -14.76 4.44
C THR B 192 -31.40 -16.11 4.99
N GLU B 193 -31.98 -16.96 4.12
CA GLU B 193 -32.34 -18.30 4.65
C GLU B 193 -31.10 -19.03 5.06
N GLN B 194 -30.05 -18.90 4.22
CA GLN B 194 -28.82 -19.61 4.57
C GLN B 194 -28.23 -19.04 5.84
N LEU B 195 -28.38 -17.71 5.99
CA LEU B 195 -27.88 -17.10 7.24
C LEU B 195 -28.57 -17.75 8.43
N LEU B 196 -29.89 -17.90 8.38
CA LEU B 196 -30.64 -18.52 9.47
C LEU B 196 -30.21 -19.92 9.75
N ASN B 197 -29.99 -20.72 8.69
CA ASN B 197 -29.55 -22.09 8.95
C ASN B 197 -28.14 -22.11 9.52
N ALA B 198 -27.31 -21.16 9.07
CA ALA B 198 -25.90 -21.19 9.53
C ALA B 198 -25.85 -21.07 11.04
N ARG B 199 -26.77 -20.29 11.61
CA ARG B 199 -26.84 -20.21 13.07
C ARG B 199 -25.58 -19.80 13.75
N ALA B 200 -25.04 -18.62 13.41
CA ALA B 200 -23.83 -18.18 14.19
C ALA B 200 -24.37 -17.71 15.57
N ASP B 201 -23.54 -17.82 16.60
CA ASP B 201 -23.94 -17.44 17.94
C ASP B 201 -24.36 -15.97 18.00
N VAL B 202 -23.55 -15.13 17.39
CA VAL B 202 -23.75 -13.71 17.33
C VAL B 202 -23.73 -13.15 15.92
N THR B 203 -24.83 -12.53 15.54
CA THR B 203 -24.90 -11.89 14.22
C THR B 203 -25.57 -10.52 14.38
N LEU B 204 -24.84 -9.47 14.06
CA LEU B 204 -25.38 -8.10 14.27
C LEU B 204 -25.08 -7.23 13.04
N GLY B 205 -26.07 -6.45 12.65
CA GLY B 205 -25.95 -5.56 11.52
C GLY B 205 -27.28 -4.98 11.10
N GLY B 206 -27.38 -4.56 9.84
CA GLY B 206 -28.63 -4.01 9.32
C GLY B 206 -29.38 -5.09 8.54
N GLY B 207 -30.14 -4.67 7.56
CA GLY B 207 -30.87 -5.49 6.64
C GLY B 207 -32.11 -6.14 7.18
N ALA B 208 -32.87 -5.39 8.00
CA ALA B 208 -34.10 -5.99 8.53
C ALA B 208 -35.11 -6.19 7.40
N LYS B 209 -35.13 -5.26 6.47
CA LYS B 209 -35.98 -5.25 5.31
C LYS B 209 -36.26 -6.60 4.72
N THR B 210 -35.23 -7.42 4.50
CA THR B 210 -35.39 -8.70 3.86
C THR B 210 -36.06 -9.75 4.71
N PHE B 211 -35.98 -9.64 6.04
CA PHE B 211 -36.63 -10.60 6.93
C PHE B 211 -38.15 -10.48 6.89
N ALA B 212 -38.64 -9.48 6.16
CA ALA B 212 -40.09 -9.33 6.02
C ALA B 212 -40.57 -10.27 4.91
N GLU B 213 -39.59 -10.75 4.12
CA GLU B 213 -40.00 -11.64 3.02
C GLU B 213 -40.55 -12.94 3.64
N THR B 214 -41.33 -13.63 2.84
CA THR B 214 -41.97 -14.90 3.24
C THR B 214 -41.40 -16.07 2.47
N ALA B 215 -41.19 -17.21 3.13
CA ALA B 215 -40.66 -18.41 2.54
C ALA B 215 -41.60 -19.05 1.52
N THR B 216 -41.03 -19.41 0.38
CA THR B 216 -41.80 -20.01 -0.72
C THR B 216 -41.96 -21.51 -0.50
N ALA B 217 -41.10 -22.06 0.35
CA ALA B 217 -41.11 -23.51 0.61
C ALA B 217 -40.51 -23.80 1.98
N GLY B 218 -40.40 -25.07 2.30
CA GLY B 218 -39.84 -25.59 3.51
C GLY B 218 -40.73 -25.52 4.73
N GLU B 219 -40.21 -26.04 5.84
CA GLU B 219 -40.88 -26.07 7.11
C GLU B 219 -41.58 -24.76 7.43
N TRP B 220 -40.85 -23.66 7.24
CA TRP B 220 -41.38 -22.34 7.55
C TRP B 220 -42.07 -21.68 6.42
N GLN B 221 -42.46 -22.47 5.41
CA GLN B 221 -43.18 -21.87 4.28
C GLN B 221 -44.30 -20.94 4.75
N GLY B 222 -44.63 -19.97 3.92
CA GLY B 222 -45.66 -19.01 4.13
C GLY B 222 -45.48 -18.06 5.28
N LYS B 223 -44.46 -18.26 6.11
CA LYS B 223 -44.26 -17.28 7.20
C LYS B 223 -43.01 -16.45 6.93
N THR B 224 -42.91 -15.30 7.61
CA THR B 224 -41.78 -14.45 7.38
C THR B 224 -40.48 -15.06 7.95
N LEU B 225 -39.40 -14.53 7.38
CA LEU B 225 -38.05 -14.88 7.81
C LEU B 225 -37.84 -14.48 9.25
N ARG B 226 -38.43 -13.33 9.65
CA ARG B 226 -38.36 -12.96 11.07
C ARG B 226 -39.09 -14.00 11.93
N GLU B 227 -40.30 -14.38 11.52
CA GLU B 227 -41.03 -15.40 12.30
C GLU B 227 -40.22 -16.69 12.33
N GLN B 228 -39.71 -17.09 11.16
CA GLN B 228 -38.89 -18.29 11.12
C GLN B 228 -37.78 -18.19 12.18
N ALA B 229 -37.14 -17.03 12.23
CA ALA B 229 -36.05 -16.74 13.15
C ALA B 229 -36.47 -16.88 14.60
N GLN B 230 -37.57 -16.22 14.96
CA GLN B 230 -38.03 -16.36 16.37
C GLN B 230 -38.42 -17.82 16.61
N ALA B 231 -39.07 -18.39 15.59
CA ALA B 231 -39.47 -19.78 15.62
C ALA B 231 -38.31 -20.73 15.79
N ARG B 232 -37.09 -20.28 15.46
CA ARG B 232 -35.92 -21.10 15.59
C ARG B 232 -35.11 -20.92 16.82
N GLY B 233 -35.52 -20.05 17.76
CA GLY B 233 -34.73 -19.91 18.99
C GLY B 233 -33.83 -18.71 18.96
N TYR B 234 -33.82 -17.98 17.82
CA TYR B 234 -32.99 -16.78 17.75
C TYR B 234 -33.51 -15.74 18.73
N GLN B 235 -32.59 -14.93 19.26
CA GLN B 235 -32.96 -13.80 20.10
C GLN B 235 -32.80 -12.51 19.26
N LEU B 236 -33.91 -11.90 18.95
CA LEU B 236 -34.04 -10.72 18.14
C LEU B 236 -33.99 -9.42 18.98
N VAL B 237 -32.93 -8.68 18.80
CA VAL B 237 -32.73 -7.35 19.36
C VAL B 237 -32.71 -6.31 18.25
N SER B 238 -33.15 -5.08 18.54
CA SER B 238 -33.29 -4.10 17.45
C SER B 238 -32.72 -2.74 17.80
N ASP B 239 -32.19 -2.64 19.03
CA ASP B 239 -31.58 -1.40 19.47
C ASP B 239 -30.53 -1.61 20.53
N ALA B 240 -29.82 -0.55 20.85
CA ALA B 240 -28.71 -0.62 21.77
C ALA B 240 -29.06 -1.18 23.13
N ALA B 241 -30.16 -0.70 23.72
CA ALA B 241 -30.51 -1.17 25.06
C ALA B 241 -30.86 -2.65 25.02
N SER B 242 -31.70 -3.00 24.02
CA SER B 242 -32.02 -4.42 23.88
C SER B 242 -30.72 -5.21 23.71
N LEU B 243 -29.81 -4.72 22.86
CA LEU B 243 -28.54 -5.45 22.66
C LEU B 243 -27.78 -5.52 23.97
N ASN B 244 -27.88 -4.43 24.73
CA ASN B 244 -27.18 -4.40 26.02
C ASN B 244 -27.81 -5.39 26.99
N SER B 245 -29.12 -5.56 26.88
CA SER B 245 -29.86 -6.47 27.75
C SER B 245 -29.21 -7.85 27.73
N VAL B 246 -28.63 -8.19 26.57
CA VAL B 246 -28.04 -9.45 26.31
C VAL B 246 -27.00 -9.98 27.23
N THR B 247 -27.25 -11.12 27.86
CA THR B 247 -26.35 -11.69 28.85
C THR B 247 -25.68 -12.96 28.37
N GLU B 248 -26.35 -13.65 27.43
CA GLU B 248 -25.76 -14.87 26.90
C GLU B 248 -26.03 -15.09 25.46
N ALA B 249 -25.10 -15.72 24.73
CA ALA B 249 -25.37 -15.96 23.28
C ALA B 249 -24.73 -17.30 22.90
N ASN B 250 -25.52 -18.18 22.32
CA ASN B 250 -25.07 -19.52 21.99
C ASN B 250 -25.97 -20.23 21.00
N GLN B 251 -25.68 -21.52 20.79
CA GLN B 251 -26.43 -22.33 19.87
C GLN B 251 -27.85 -22.58 20.32
N GLN B 252 -28.09 -22.48 21.62
CA GLN B 252 -29.45 -22.65 22.16
C GLN B 252 -30.24 -21.37 21.85
N LYS B 253 -29.58 -20.26 22.15
CA LYS B 253 -30.11 -18.93 21.95
C LYS B 253 -29.18 -18.04 21.17
N PRO B 254 -29.06 -18.32 19.87
CA PRO B 254 -28.20 -17.44 19.06
C PRO B 254 -28.84 -16.02 19.12
N LEU B 255 -28.01 -15.03 18.92
CA LEU B 255 -28.39 -13.63 18.88
C LEU B 255 -28.44 -13.11 17.44
N LEU B 256 -29.46 -12.31 17.17
CA LEU B 256 -29.68 -11.70 15.89
C LEU B 256 -30.14 -10.27 15.97
N GLY B 257 -29.19 -9.34 15.80
CA GLY B 257 -29.47 -7.93 15.86
C GLY B 257 -29.72 -7.28 14.53
N LEU B 258 -30.90 -6.69 14.35
CA LEU B 258 -31.27 -5.97 13.14
C LEU B 258 -31.58 -4.50 13.45
N PHE B 259 -30.53 -3.69 13.49
CA PHE B 259 -30.47 -2.32 13.83
C PHE B 259 -30.93 -1.32 12.81
N ALA B 260 -31.27 -1.78 11.62
CA ALA B 260 -31.76 -0.95 10.55
C ALA B 260 -32.38 -1.74 9.42
N ASP B 261 -33.21 -1.09 8.61
CA ASP B 261 -33.84 -1.83 7.50
C ASP B 261 -32.79 -2.15 6.40
N GLY B 262 -31.98 -1.16 6.11
CA GLY B 262 -30.90 -1.16 5.15
C GLY B 262 -29.55 -1.18 5.88
N ASN B 263 -28.66 -0.27 5.50
CA ASN B 263 -27.35 -0.18 6.14
C ASN B 263 -27.41 0.70 7.39
N MET B 264 -26.58 0.35 8.38
CA MET B 264 -26.60 1.28 9.56
C MET B 264 -26.21 2.65 9.12
N PRO B 265 -26.61 3.70 9.82
CA PRO B 265 -26.29 5.06 9.35
C PRO B 265 -24.85 5.45 9.55
N VAL B 266 -24.35 6.31 8.65
CA VAL B 266 -23.00 6.78 8.71
C VAL B 266 -22.72 7.78 9.80
N ARG B 267 -21.53 7.78 10.34
CA ARG B 267 -21.11 8.63 11.45
C ARG B 267 -21.03 10.11 11.11
N TRP B 268 -20.46 10.45 9.97
CA TRP B 268 -20.25 11.75 9.48
C TRP B 268 -20.91 12.07 8.15
N LEU B 269 -21.27 13.34 8.02
CA LEU B 269 -21.82 13.85 6.78
C LEU B 269 -20.93 15.01 6.25
N GLY B 270 -20.99 15.18 4.97
CA GLY B 270 -20.36 16.21 4.18
C GLY B 270 -20.98 16.21 2.79
N PRO B 271 -20.69 17.21 1.99
CA PRO B 271 -21.21 17.21 0.63
C PRO B 271 -20.40 16.23 -0.24
N LYS B 272 -21.00 15.83 -1.32
CA LYS B 272 -20.42 15.01 -2.36
C LYS B 272 -19.37 15.83 -3.14
N ALA B 273 -18.28 15.17 -3.47
CA ALA B 273 -17.22 15.79 -4.27
C ALA B 273 -17.77 16.17 -5.63
N THR B 274 -17.30 17.27 -6.19
CA THR B 274 -17.81 17.81 -7.44
C THR B 274 -16.68 18.20 -8.38
N TYR B 275 -17.02 18.39 -9.65
CA TYR B 275 -16.06 18.80 -10.65
C TYR B 275 -15.43 20.13 -10.26
N HIS B 276 -14.10 20.16 -10.17
CA HIS B 276 -13.34 21.29 -9.74
C HIS B 276 -13.70 21.80 -8.37
N GLY B 277 -14.29 20.94 -7.54
CA GLY B 277 -14.73 21.30 -6.21
C GLY B 277 -13.68 21.88 -5.31
N ASN B 278 -12.41 21.49 -5.50
CA ASN B 278 -11.35 22.02 -4.61
C ASN B 278 -11.02 23.44 -5.06
N ILE B 279 -11.38 23.72 -6.33
CA ILE B 279 -11.03 25.04 -6.83
C ILE B 279 -12.20 26.02 -6.63
N ASP B 280 -13.37 25.61 -7.06
CA ASP B 280 -14.56 26.40 -7.07
C ASP B 280 -15.28 26.50 -5.77
N LYS B 281 -15.09 25.53 -4.88
CA LYS B 281 -15.80 25.59 -3.59
C LYS B 281 -14.77 25.61 -2.45
N PRO B 282 -15.20 26.09 -1.33
CA PRO B 282 -14.53 26.19 -0.08
C PRO B 282 -14.21 24.85 0.60
N ALA B 283 -13.15 24.86 1.41
CA ALA B 283 -12.73 23.69 2.14
C ALA B 283 -13.83 23.24 3.08
N VAL B 284 -13.95 21.92 3.20
CA VAL B 284 -14.98 21.34 4.00
C VAL B 284 -14.54 20.85 5.36
N THR B 285 -15.46 21.04 6.31
CA THR B 285 -15.32 20.43 7.62
C THR B 285 -16.47 19.44 7.78
N CYS B 286 -16.15 18.21 8.13
CA CYS B 286 -17.18 17.20 8.27
C CYS B 286 -18.05 17.47 9.52
N THR B 287 -19.28 17.13 9.41
CA THR B 287 -20.40 17.24 10.31
C THR B 287 -20.82 15.88 10.87
N PRO B 288 -20.87 15.74 12.18
CA PRO B 288 -21.37 14.44 12.71
C PRO B 288 -22.86 14.31 12.31
N ASN B 289 -23.28 13.11 12.05
CA ASN B 289 -24.67 12.87 11.59
C ASN B 289 -25.60 12.97 12.80
N PRO B 290 -26.51 13.93 12.78
CA PRO B 290 -27.44 14.15 13.89
C PRO B 290 -28.42 13.00 14.04
N GLN B 291 -28.58 12.20 12.98
CA GLN B 291 -29.51 11.10 13.02
C GLN B 291 -28.89 9.75 13.16
N ARG B 292 -27.65 9.67 13.65
CA ARG B 292 -27.00 8.39 13.85
C ARG B 292 -27.61 7.61 15.01
N ASN B 293 -28.08 8.28 16.04
CA ASN B 293 -28.79 7.81 17.16
C ASN B 293 -28.16 7.21 18.35
N ASP B 294 -28.78 7.41 19.54
CA ASP B 294 -28.29 6.85 20.79
C ASP B 294 -28.84 5.41 21.00
N SER B 295 -29.85 5.08 20.22
CA SER B 295 -30.54 3.81 20.21
C SER B 295 -29.93 2.84 19.21
N VAL B 296 -28.89 3.31 18.52
CA VAL B 296 -28.18 2.48 17.55
C VAL B 296 -26.76 2.23 18.04
N PRO B 297 -26.44 0.96 18.25
CA PRO B 297 -25.10 0.66 18.80
C PRO B 297 -24.04 1.03 17.77
N THR B 298 -22.89 1.51 18.25
CA THR B 298 -21.83 1.79 17.26
C THR B 298 -21.11 0.47 16.96
N LEU B 299 -20.23 0.54 15.95
CA LEU B 299 -19.49 -0.67 15.60
C LEU B 299 -18.62 -1.10 16.76
N ALA B 300 -18.08 -0.10 17.47
CA ALA B 300 -17.22 -0.44 18.62
C ALA B 300 -18.05 -1.11 19.70
N GLN B 301 -19.31 -0.69 19.79
CA GLN B 301 -20.22 -1.25 20.79
C GLN B 301 -20.61 -2.67 20.40
N MET B 302 -20.98 -2.84 19.13
CA MET B 302 -21.31 -4.23 18.73
C MET B 302 -20.13 -5.13 18.95
N THR B 303 -18.93 -4.56 18.69
CA THR B 303 -17.70 -5.29 18.82
C THR B 303 -17.47 -5.77 20.23
N ASP B 304 -17.58 -4.85 21.17
CA ASP B 304 -17.42 -5.15 22.59
C ASP B 304 -18.41 -6.19 23.07
N LYS B 305 -19.67 -6.06 22.70
CA LYS B 305 -20.70 -6.98 23.15
C LYS B 305 -20.45 -8.38 22.57
N ALA B 306 -20.11 -8.37 21.27
CA ALA B 306 -19.78 -9.64 20.61
C ALA B 306 -18.65 -10.32 21.35
N ILE B 307 -17.61 -9.54 21.71
CA ILE B 307 -16.50 -10.19 22.42
C ILE B 307 -16.90 -10.74 23.76
N GLU B 308 -17.68 -9.97 24.51
CA GLU B 308 -18.12 -10.46 25.84
C GLU B 308 -18.84 -11.79 25.71
N LEU B 309 -19.88 -11.85 24.89
CA LEU B 309 -20.65 -13.07 24.70
C LEU B 309 -19.86 -14.23 24.17
N LEU B 310 -19.08 -14.04 23.09
CA LEU B 310 -18.37 -15.19 22.51
C LEU B 310 -17.25 -15.65 23.40
N SER B 311 -16.73 -14.72 24.22
CA SER B 311 -15.59 -15.08 25.05
C SER B 311 -15.97 -16.09 26.12
N LYS B 312 -17.29 -16.22 26.35
CA LYS B 312 -17.74 -17.18 27.34
C LYS B 312 -17.44 -18.60 26.94
N ASN B 313 -17.39 -18.85 25.64
CA ASN B 313 -17.04 -20.14 25.07
C ASN B 313 -15.58 -20.50 25.39
N GLU B 314 -15.41 -21.61 26.08
CA GLU B 314 -14.17 -22.14 26.54
C GLU B 314 -13.28 -22.64 25.42
N LYS B 315 -13.90 -23.18 24.37
CA LYS B 315 -13.13 -23.70 23.26
C LYS B 315 -12.48 -22.57 22.45
N GLY B 316 -13.12 -21.41 22.42
CA GLY B 316 -12.67 -20.25 21.70
C GLY B 316 -13.69 -19.71 20.71
N PHE B 317 -13.32 -18.66 19.99
CA PHE B 317 -14.19 -18.04 19.03
C PHE B 317 -13.47 -17.44 17.82
N PHE B 318 -14.26 -17.31 16.77
CA PHE B 318 -13.92 -16.64 15.54
C PHE B 318 -14.92 -15.46 15.40
N LEU B 319 -14.36 -14.29 15.16
CA LEU B 319 -15.15 -13.09 15.01
C LEU B 319 -14.72 -12.23 13.83
N GLN B 320 -15.69 -11.95 12.94
CA GLN B 320 -15.52 -11.07 11.84
C GLN B 320 -16.28 -9.75 12.07
N VAL B 321 -15.55 -8.65 11.94
CA VAL B 321 -16.09 -7.32 12.04
C VAL B 321 -15.86 -6.47 10.81
N GLU B 322 -16.95 -5.98 10.20
CA GLU B 322 -16.90 -5.17 9.05
C GLU B 322 -17.32 -3.72 9.21
N GLY B 323 -16.42 -2.83 8.80
CA GLY B 323 -16.65 -1.40 8.64
C GLY B 323 -17.00 -1.19 7.13
N ALA B 324 -18.26 -1.44 6.86
CA ALA B 324 -18.86 -1.60 5.59
C ALA B 324 -18.94 -0.39 4.70
N SER B 325 -19.21 0.74 5.34
CA SER B 325 -19.52 1.97 4.68
C SER B 325 -18.40 2.77 4.18
N ILE B 326 -17.16 2.37 4.59
CA ILE B 326 -16.02 3.07 3.95
C ILE B 326 -16.18 2.88 2.44
N ASP B 327 -16.37 1.63 2.03
CA ASP B 327 -16.48 1.33 0.58
C ASP B 327 -17.62 2.05 -0.10
N LYS B 328 -18.78 2.09 0.57
CA LYS B 328 -19.96 2.69 -0.02
C LYS B 328 -19.87 4.19 -0.13
N GLN B 329 -19.21 4.81 0.85
CA GLN B 329 -19.04 6.28 0.75
C GLN B 329 -17.98 6.64 -0.27
N ASP B 330 -17.04 5.72 -0.51
CA ASP B 330 -16.00 5.88 -1.53
C ASP B 330 -16.69 5.84 -2.91
N HIS B 331 -17.61 4.89 -3.10
CA HIS B 331 -18.37 4.78 -4.35
C HIS B 331 -19.19 6.07 -4.59
N ALA B 332 -19.68 6.68 -3.49
CA ALA B 332 -20.44 7.91 -3.61
C ALA B 332 -19.60 9.17 -3.68
N ALA B 333 -18.27 9.07 -3.69
CA ALA B 333 -17.45 10.28 -3.76
C ALA B 333 -17.79 11.27 -2.64
N ASN B 334 -17.92 10.73 -1.44
CA ASN B 334 -18.19 11.43 -0.25
C ASN B 334 -17.08 11.31 0.79
N PRO B 335 -16.12 12.21 0.68
CA PRO B 335 -14.95 12.21 1.56
C PRO B 335 -15.30 12.10 3.01
N CYS B 336 -16.25 12.95 3.44
CA CYS B 336 -16.61 12.93 4.86
C CYS B 336 -17.18 11.61 5.30
N GLY B 337 -18.08 11.04 4.48
CA GLY B 337 -18.66 9.75 4.90
C GLY B 337 -17.59 8.68 4.92
N GLN B 338 -16.69 8.74 3.91
CA GLN B 338 -15.65 7.69 3.85
C GLN B 338 -14.73 7.75 5.04
N ILE B 339 -14.26 8.96 5.35
CA ILE B 339 -13.35 9.14 6.47
C ILE B 339 -13.93 8.78 7.78
N GLY B 340 -15.21 9.19 8.01
CA GLY B 340 -15.88 8.89 9.23
C GLY B 340 -16.04 7.43 9.53
N GLU B 341 -16.27 6.63 8.49
CA GLU B 341 -16.40 5.18 8.66
C GLU B 341 -15.06 4.54 8.91
N THR B 342 -13.98 5.24 8.55
CA THR B 342 -12.63 4.67 8.83
C THR B 342 -12.28 4.91 10.29
N VAL B 343 -12.59 6.12 10.74
CA VAL B 343 -12.38 6.48 12.18
C VAL B 343 -13.26 5.58 13.02
N ASP B 344 -14.47 5.32 12.55
CA ASP B 344 -15.36 4.38 13.25
C ASP B 344 -14.75 3.01 13.37
N LEU B 345 -14.14 2.50 12.29
CA LEU B 345 -13.49 1.17 12.36
C LEU B 345 -12.31 1.19 13.30
N ASP B 346 -11.60 2.33 13.33
CA ASP B 346 -10.42 2.37 14.24
C ASP B 346 -10.80 2.13 15.67
N GLU B 347 -11.94 2.64 16.11
CA GLU B 347 -12.36 2.44 17.49
C GLU B 347 -12.59 0.96 17.76
N ALA B 348 -13.30 0.32 16.82
CA ALA B 348 -13.57 -1.12 17.02
C ALA B 348 -12.24 -1.88 17.05
N VAL B 349 -11.30 -1.42 16.21
CA VAL B 349 -10.00 -2.10 16.21
C VAL B 349 -9.34 -1.92 17.57
N GLN B 350 -9.59 -0.74 18.16
CA GLN B 350 -9.00 -0.52 19.50
C GLN B 350 -9.61 -1.50 20.51
N ARG B 351 -10.92 -1.71 20.41
CA ARG B 351 -11.56 -2.63 21.35
C ARG B 351 -10.99 -4.02 21.20
N ALA B 352 -10.83 -4.45 19.94
CA ALA B 352 -10.28 -5.77 19.68
C ALA B 352 -8.90 -5.96 20.23
N LEU B 353 -8.02 -4.98 20.06
CA LEU B 353 -6.65 -5.04 20.49
C LEU B 353 -6.54 -5.03 22.02
N GLU B 354 -7.41 -4.28 22.63
CA GLU B 354 -7.49 -4.19 24.10
C GLU B 354 -7.69 -5.61 24.65
N PHE B 355 -8.73 -6.28 24.12
CA PHE B 355 -9.01 -7.64 24.52
C PHE B 355 -7.88 -8.60 24.24
N ALA B 356 -7.31 -8.53 23.04
CA ALA B 356 -6.27 -9.47 22.64
C ALA B 356 -5.00 -9.28 23.43
N LYS B 357 -4.74 -8.04 23.82
CA LYS B 357 -3.56 -7.73 24.62
C LYS B 357 -3.71 -8.40 26.00
N LYS B 358 -4.90 -8.28 26.58
CA LYS B 358 -5.17 -8.88 27.86
C LYS B 358 -5.28 -10.40 27.78
N GLU B 359 -6.09 -10.89 26.86
CA GLU B 359 -6.32 -12.29 26.62
C GLU B 359 -5.09 -13.10 26.36
N GLY B 360 -4.22 -12.67 25.43
CA GLY B 360 -2.99 -13.35 25.17
C GLY B 360 -2.98 -14.41 24.13
N ASN B 361 -4.12 -14.96 23.74
CA ASN B 361 -4.12 -16.04 22.74
C ASN B 361 -5.01 -15.68 21.56
N THR B 362 -5.02 -14.40 21.25
CA THR B 362 -5.85 -13.88 20.20
C THR B 362 -5.09 -13.31 19.03
N LEU B 363 -5.42 -13.82 17.83
CA LEU B 363 -4.83 -13.26 16.61
C LEU B 363 -5.82 -12.22 16.07
N VAL B 364 -5.32 -11.00 15.94
CA VAL B 364 -6.22 -9.93 15.43
C VAL B 364 -5.66 -9.50 14.08
N ILE B 365 -6.55 -9.42 13.10
CA ILE B 365 -6.19 -9.06 11.74
C ILE B 365 -7.03 -7.91 11.23
N VAL B 366 -6.35 -6.92 10.65
CA VAL B 366 -6.93 -5.73 10.07
C VAL B 366 -6.54 -5.60 8.61
N THR B 367 -7.57 -5.54 7.74
CA THR B 367 -7.26 -5.41 6.31
C THR B 367 -8.45 -4.96 5.54
N ALA B 368 -8.40 -5.00 4.22
CA ALA B 368 -9.54 -4.61 3.39
C ALA B 368 -9.77 -5.72 2.33
N ASP B 369 -10.91 -5.68 1.69
CA ASP B 369 -11.21 -6.68 0.67
C ASP B 369 -10.59 -6.31 -0.68
N HIS B 370 -10.52 -5.03 -0.99
CA HIS B 370 -9.90 -4.56 -2.24
C HIS B 370 -9.65 -3.06 -2.09
N ALA B 371 -8.91 -2.47 -3.03
CA ALA B 371 -8.67 -1.04 -3.05
C ALA B 371 -9.84 -0.31 -3.72
N HIS B 372 -9.81 1.00 -3.64
CA HIS B 372 -10.86 1.87 -4.10
C HIS B 372 -10.39 3.04 -4.91
N ALA B 373 -11.27 4.02 -5.14
CA ALA B 373 -11.05 5.13 -6.01
C ALA B 373 -10.27 6.30 -5.45
N SER B 374 -10.57 6.69 -4.22
CA SER B 374 -10.03 7.85 -3.59
C SER B 374 -8.54 8.02 -3.71
N GLN B 375 -8.13 9.22 -4.08
CA GLN B 375 -6.78 9.66 -4.15
C GLN B 375 -6.60 11.04 -3.47
N ILE B 376 -5.46 11.18 -2.84
CA ILE B 376 -5.05 12.47 -2.21
C ILE B 376 -4.16 13.21 -3.20
N VAL B 377 -4.59 14.39 -3.62
CA VAL B 377 -3.80 15.14 -4.61
C VAL B 377 -3.48 16.54 -4.09
N ALA B 378 -2.65 17.25 -4.83
CA ALA B 378 -2.29 18.61 -4.55
C ALA B 378 -3.49 19.54 -4.52
N PRO B 379 -3.42 20.51 -3.61
CA PRO B 379 -4.49 21.47 -3.41
C PRO B 379 -4.99 22.18 -4.65
N ASP B 380 -4.10 22.59 -5.55
CA ASP B 380 -4.50 23.34 -6.75
C ASP B 380 -4.61 22.41 -7.95
N THR B 381 -4.88 21.14 -7.67
CA THR B 381 -5.02 20.18 -8.77
C THR B 381 -6.28 20.50 -9.60
N LYS B 382 -6.18 20.43 -10.90
CA LYS B 382 -7.30 20.57 -11.83
C LYS B 382 -7.60 19.18 -12.46
N ALA B 383 -8.54 18.51 -11.86
CA ALA B 383 -8.88 17.14 -12.22
C ALA B 383 -10.16 16.99 -13.02
N PRO B 384 -10.18 16.00 -13.90
CA PRO B 384 -11.29 15.73 -14.79
C PRO B 384 -12.49 15.08 -14.08
N GLY B 385 -12.28 14.63 -12.85
CA GLY B 385 -13.29 13.98 -12.06
C GLY B 385 -13.91 14.86 -10.97
N LEU B 386 -14.18 14.24 -9.85
CA LEU B 386 -14.74 14.78 -8.65
C LEU B 386 -13.70 15.01 -7.58
N THR B 387 -13.66 16.23 -7.08
CA THR B 387 -12.72 16.65 -6.07
C THR B 387 -13.37 17.44 -4.94
N GLN B 388 -12.65 17.48 -3.82
CA GLN B 388 -13.11 18.21 -2.65
C GLN B 388 -11.92 18.59 -1.78
N ALA B 389 -11.89 19.84 -1.31
CA ALA B 389 -10.82 20.28 -0.40
C ALA B 389 -11.33 20.15 1.03
N LEU B 390 -10.52 19.61 1.94
CA LEU B 390 -10.99 19.46 3.30
C LEU B 390 -10.05 20.15 4.30
N ASN B 391 -10.62 20.58 5.43
CA ASN B 391 -9.88 21.17 6.53
C ASN B 391 -9.49 20.12 7.55
N THR B 392 -8.18 19.80 7.59
CA THR B 392 -7.77 18.74 8.49
C THR B 392 -7.47 19.21 9.89
N LYS B 393 -7.09 18.23 10.73
CA LYS B 393 -6.69 18.49 12.07
C LYS B 393 -5.42 19.32 12.16
N ASP B 394 -4.57 19.30 11.16
CA ASP B 394 -3.31 20.04 11.19
C ASP B 394 -3.59 21.54 10.89
N GLY B 395 -4.82 21.81 10.55
CA GLY B 395 -5.25 23.16 10.19
C GLY B 395 -4.80 23.49 8.80
N ALA B 396 -4.77 22.41 7.97
CA ALA B 396 -4.36 22.68 6.57
C ALA B 396 -5.36 22.01 5.65
N VAL B 397 -5.24 22.29 4.36
CA VAL B 397 -6.17 21.75 3.37
C VAL B 397 -5.62 20.47 2.72
N MET B 398 -6.51 19.50 2.58
CA MET B 398 -6.21 18.26 1.88
C MET B 398 -7.25 18.10 0.75
N VAL B 399 -6.78 17.68 -0.42
CA VAL B 399 -7.74 17.54 -1.53
C VAL B 399 -7.86 16.09 -1.93
N MET B 400 -9.09 15.64 -2.07
CA MET B 400 -9.41 14.28 -2.46
C MET B 400 -10.06 14.24 -3.82
N SER B 401 -9.64 13.29 -4.63
CA SER B 401 -10.01 13.06 -5.99
C SER B 401 -10.58 11.67 -6.27
N TYR B 402 -11.64 11.65 -7.04
CA TYR B 402 -12.31 10.40 -7.47
C TYR B 402 -12.43 10.54 -9.00
N GLY B 403 -11.52 9.91 -9.72
CA GLY B 403 -11.42 10.08 -11.15
C GLY B 403 -11.46 8.82 -11.98
N ASN B 404 -12.08 7.76 -11.50
CA ASN B 404 -12.13 6.50 -12.20
C ASN B 404 -13.43 6.12 -12.81
N SER B 405 -14.48 6.93 -12.62
CA SER B 405 -15.75 6.63 -13.28
C SER B 405 -16.51 7.89 -13.66
N GLU B 406 -17.09 7.85 -14.86
CA GLU B 406 -17.95 8.96 -15.31
C GLU B 406 -19.40 8.61 -14.90
N GLU B 407 -19.56 7.38 -14.46
CA GLU B 407 -20.88 6.92 -14.03
C GLU B 407 -21.21 7.45 -12.66
N ASP B 408 -22.35 7.08 -12.10
CA ASP B 408 -22.74 7.63 -10.81
C ASP B 408 -22.05 6.93 -9.66
N SER B 409 -21.11 6.04 -9.98
CA SER B 409 -20.42 5.28 -8.93
C SER B 409 -18.92 5.13 -9.26
N GLN B 410 -18.10 5.49 -8.28
CA GLN B 410 -16.65 5.38 -8.40
C GLN B 410 -16.28 3.90 -8.11
N GLU B 411 -15.33 3.42 -8.85
CA GLU B 411 -14.93 2.05 -8.90
C GLU B 411 -13.84 1.63 -7.93
N HIS B 412 -13.87 0.33 -7.66
CA HIS B 412 -12.77 -0.33 -6.96
C HIS B 412 -11.52 -0.26 -7.86
N THR B 413 -10.38 -0.46 -7.26
CA THR B 413 -9.12 -0.55 -8.06
C THR B 413 -8.38 -1.80 -7.59
N GLY B 414 -7.48 -2.34 -8.40
CA GLY B 414 -6.80 -3.56 -8.13
C GLY B 414 -5.50 -3.54 -7.42
N SER B 415 -5.01 -2.42 -6.91
CA SER B 415 -3.76 -2.35 -6.19
C SER B 415 -3.69 -3.29 -4.99
N GLN B 416 -2.51 -3.94 -4.83
CA GLN B 416 -2.33 -4.73 -3.61
C GLN B 416 -2.45 -3.74 -2.43
N LEU B 417 -2.70 -4.26 -1.24
CA LEU B 417 -2.92 -3.33 -0.13
C LEU B 417 -2.53 -3.92 1.21
N ARG B 418 -2.54 -3.07 2.23
CA ARG B 418 -2.16 -3.40 3.56
C ARG B 418 -2.97 -4.45 4.25
N ILE B 419 -2.29 -5.37 4.90
CA ILE B 419 -2.83 -6.31 5.83
C ILE B 419 -1.93 -6.27 7.09
N ALA B 420 -2.58 -6.26 8.24
CA ALA B 420 -1.72 -6.13 9.46
C ALA B 420 -2.24 -7.04 10.54
N ALA B 421 -1.36 -7.50 11.42
CA ALA B 421 -1.77 -8.42 12.44
C ALA B 421 -0.97 -8.33 13.74
N TYR B 422 -1.59 -8.89 14.76
CA TYR B 422 -1.05 -8.99 16.11
C TYR B 422 -1.56 -10.32 16.69
N GLY B 423 -0.66 -11.02 17.36
CA GLY B 423 -1.01 -12.25 18.01
C GLY B 423 -0.27 -13.43 17.42
N PRO B 424 -0.65 -14.62 17.89
CA PRO B 424 -0.01 -15.84 17.41
C PRO B 424 -0.28 -16.02 15.91
N HIS B 425 0.71 -16.39 15.16
CA HIS B 425 0.68 -16.68 13.75
C HIS B 425 0.58 -15.47 12.85
N ALA B 426 0.75 -14.30 13.45
CA ALA B 426 0.67 -13.03 12.75
C ALA B 426 1.78 -12.88 11.73
N ALA B 427 2.87 -13.64 11.90
CA ALA B 427 3.96 -13.48 10.91
C ALA B 427 3.46 -13.86 9.52
N ASN B 428 2.34 -14.58 9.48
CA ASN B 428 1.78 -15.02 8.24
C ASN B 428 1.29 -13.95 7.33
N VAL B 429 1.26 -12.68 7.76
CA VAL B 429 0.78 -11.61 6.88
C VAL B 429 1.89 -10.70 6.42
N VAL B 430 3.12 -11.03 6.89
CA VAL B 430 4.25 -10.24 6.51
C VAL B 430 4.72 -10.54 5.10
N GLY B 431 5.23 -9.54 4.42
CA GLY B 431 5.65 -9.72 3.04
C GLY B 431 4.47 -9.73 2.09
N LEU B 432 4.66 -10.33 0.92
CA LEU B 432 3.58 -10.46 -0.06
C LEU B 432 2.81 -11.77 0.17
N THR B 433 1.49 -11.68 0.24
CA THR B 433 0.64 -12.86 0.34
C THR B 433 -0.57 -12.70 -0.58
N ASP B 434 -1.37 -13.76 -0.65
CA ASP B 434 -2.61 -13.59 -1.41
C ASP B 434 -3.77 -13.60 -0.42
N GLN B 435 -4.88 -13.04 -0.82
CA GLN B 435 -6.09 -13.06 -0.02
C GLN B 435 -6.51 -14.48 0.39
N THR B 436 -6.30 -15.49 -0.47
CA THR B 436 -6.60 -16.87 -0.12
C THR B 436 -5.75 -17.40 0.99
N ASP B 437 -4.51 -16.89 1.10
CA ASP B 437 -3.66 -17.30 2.22
C ASP B 437 -4.32 -16.96 3.55
N LEU B 438 -5.11 -15.88 3.60
CA LEU B 438 -5.72 -15.52 4.88
C LEU B 438 -6.54 -16.65 5.46
N PHE B 439 -7.28 -17.34 4.62
CA PHE B 439 -8.07 -18.51 5.00
C PHE B 439 -7.21 -19.60 5.60
N TYR B 440 -6.14 -20.00 4.90
CA TYR B 440 -5.26 -21.02 5.45
C TYR B 440 -4.56 -20.55 6.68
N THR B 441 -4.30 -19.23 6.77
CA THR B 441 -3.62 -18.79 8.02
C THR B 441 -4.52 -18.92 9.23
N MET B 442 -5.78 -18.52 9.11
CA MET B 442 -6.74 -18.55 10.19
C MET B 442 -7.12 -19.96 10.62
N LYS B 443 -7.41 -20.77 9.64
CA LYS B 443 -7.77 -22.21 9.81
C LYS B 443 -6.64 -22.87 10.60
N ALA B 444 -5.41 -22.56 10.21
CA ALA B 444 -4.24 -23.15 10.84
C ALA B 444 -3.94 -22.62 12.22
N ALA B 445 -4.19 -21.34 12.45
CA ALA B 445 -3.88 -20.76 13.79
C ALA B 445 -4.83 -21.39 14.80
N LEU B 446 -6.06 -21.60 14.33
CA LEU B 446 -7.06 -22.19 15.21
C LEU B 446 -6.90 -23.70 15.31
N GLY B 447 -6.31 -24.34 14.33
CA GLY B 447 -6.16 -25.79 14.32
C GLY B 447 -7.45 -26.48 13.85
N LEU B 448 -8.22 -25.83 13.01
CA LEU B 448 -9.50 -26.34 12.51
C LEU B 448 -9.28 -27.52 11.56
N LYS B 449 -10.31 -28.35 11.35
CA LYS B 449 -10.11 -29.48 10.42
C LYS B 449 -11.40 -29.92 9.76
ZN ZN C . 7.01 12.95 -10.36
ZN ZN D . 9.40 11.31 -7.35
S SO4 E . 12.48 -7.33 -21.83
O1 SO4 E . 12.19 -7.54 -20.44
O2 SO4 E . 12.60 -5.95 -22.10
O3 SO4 E . 11.41 -7.91 -22.60
O4 SO4 E . 13.72 -7.95 -22.17
MG MG F . 13.50 10.61 -9.37
ZN ZN G . 13.50 10.61 -9.37
S1 MMQ H . 8.95 14.03 -9.81
P MMQ H . 7.49 16.59 -9.63
O1P MMQ H . 8.14 17.96 -9.86
O2P MMQ H . 6.30 16.73 -8.68
O3P MMQ H . 7.08 16.02 -10.91
C1P MMQ H . 8.71 15.53 -8.81
ZN ZN I . -17.63 -1.49 -3.43
ZN ZN J . -15.74 -4.39 -0.96
S SO4 K . -17.39 11.95 16.29
O1 SO4 K . -16.45 11.22 15.51
O2 SO4 K . -18.69 11.83 15.72
O3 SO4 K . -17.01 13.32 16.32
O4 SO4 K . -17.39 11.44 17.62
MG MG L . -18.76 -5.05 2.53
ZN ZN M . -18.76 -5.05 2.53
S1 MMQ N . -18.81 -3.43 -3.10
P MMQ N . -19.34 -3.98 -6.03
O1P MMQ N . -20.54 -4.82 -6.47
O2P MMQ N . -18.24 -4.14 -7.08
O3P MMQ N . -19.74 -2.59 -5.98
C1P MMQ N . -18.71 -4.65 -4.47
#